data_6MDD
#
_entry.id   6MDD
#
_cell.length_a   46.419
_cell.length_b   214.800
_cell.length_c   56.092
_cell.angle_alpha   90.000
_cell.angle_beta   96.960
_cell.angle_gamma   90.000
#
_symmetry.space_group_name_H-M   'P 1 21 1'
#
loop_
_entity.id
_entity.type
_entity.pdbx_description
1 polymer 'Tyrosine-protein phosphatase non-receptor type 11'
2 non-polymer 5-[(2,3-dichlorophenyl)sulfanyl]-3H-imidazo[4,5-b]pyridin-2-amine
3 non-polymer 'PHOSPHATE ION'
4 water water
#
_entity_poly.entity_id   1
_entity_poly.type   'polypeptide(L)'
_entity_poly.pdbx_seq_one_letter_code
;SMTSRRWFHPNITGVEAENLLLTRGVDGSFLARPSKSNPGDFTLSVRRNGAVTHIKIQNTGDYYDLYGGEKFATLAELVQ
YYMEHHGQLKEKNGDVIELKYPLNCADPTSERWFHGHLSGKEAEKLLTEKGKHGSFLVRESQSHPGDFVLSVRTGDDKGE
SNDGKSKVTHVMIRCQELKYDVGGGERFDSLTDLVEHYKKNPMVETLGTVLQLKQPLNTTRINAAEIESRVRELSKLAET
TDKVKQGFWEEFETLQQQECKLLYSRKEGQRQENKNKNRYKNILPFDHTRVVLHDGDPNEPVSDYINANIIMPEFETKCN
NSKPKKSYIATQGCLQNTVNDFWRMVFQENSRVIVMTTKEVERGKSKCVKYWPDEYALKEYGVMRVRNVKESAAHDYTLR
ELKLSKVGQGNTERTVWQYHFRTWPDHGVPSDPGGVLDFLEEVHHKQESIMDAGPVVVHCSAGIGRTGTFIVIDILIDII
REKGVDCDIDVPKTIQMVRSQRSGMVQTEAQYRFIYMAVQHYIETL
;
_entity_poly.pdbx_strand_id   A,B
#
# COMPACT_ATOMS: atom_id res chain seq x y z
N SER A 4 24.14 4.93 -33.00
CA SER A 4 23.45 5.36 -34.21
C SER A 4 21.90 5.45 -34.04
N ARG A 5 21.29 4.38 -33.46
CA ARG A 5 19.86 4.11 -33.21
C ARG A 5 19.01 4.06 -34.51
N ARG A 6 19.66 3.75 -35.65
CA ARG A 6 19.04 3.65 -37.00
C ARG A 6 17.97 2.54 -37.12
N TRP A 7 17.97 1.54 -36.22
CA TRP A 7 17.02 0.43 -36.20
C TRP A 7 15.60 0.84 -35.73
N PHE A 8 15.38 2.13 -35.35
CA PHE A 8 14.06 2.59 -34.93
C PHE A 8 13.43 3.32 -36.08
N HIS A 9 12.25 2.85 -36.49
CA HIS A 9 11.47 3.41 -37.59
C HIS A 9 10.22 4.12 -36.99
N PRO A 10 10.17 5.48 -36.95
CA PRO A 10 9.05 6.17 -36.28
C PRO A 10 7.67 6.17 -36.95
N ASN A 11 7.65 6.18 -38.31
CA ASN A 11 6.42 6.25 -39.07
C ASN A 11 6.20 5.00 -39.93
N ILE A 12 6.29 3.81 -39.32
CA ILE A 12 6.12 2.56 -40.07
C ILE A 12 5.02 1.66 -39.48
N THR A 13 4.23 1.03 -40.36
CA THR A 13 3.15 0.11 -39.98
C THR A 13 3.76 -1.31 -39.91
N GLY A 14 3.04 -2.26 -39.30
CA GLY A 14 3.48 -3.66 -39.17
C GLY A 14 3.70 -4.37 -40.49
N VAL A 15 2.82 -4.12 -41.46
CA VAL A 15 2.88 -4.71 -42.81
C VAL A 15 4.12 -4.16 -43.55
N GLU A 16 4.39 -2.85 -43.43
CA GLU A 16 5.56 -2.21 -44.02
C GLU A 16 6.86 -2.79 -43.44
N ALA A 17 6.88 -3.04 -42.12
CA ALA A 17 7.99 -3.61 -41.37
C ALA A 17 8.30 -5.07 -41.81
N GLU A 18 7.24 -5.89 -42.04
CA GLU A 18 7.35 -7.27 -42.52
C GLU A 18 7.97 -7.28 -43.92
N ASN A 19 7.45 -6.38 -44.79
CA ASN A 19 7.86 -6.21 -46.19
C ASN A 19 9.33 -5.79 -46.28
N LEU A 20 9.77 -4.91 -45.37
CA LEU A 20 11.14 -4.38 -45.31
C LEU A 20 12.12 -5.44 -44.83
N LEU A 21 11.72 -6.23 -43.82
CA LEU A 21 12.55 -7.31 -43.28
C LEU A 21 12.64 -8.50 -44.24
N LEU A 22 11.61 -8.70 -45.09
CA LEU A 22 11.59 -9.81 -46.05
C LEU A 22 12.35 -9.48 -47.33
N THR A 23 12.16 -8.27 -47.87
CA THR A 23 12.78 -7.84 -49.12
C THR A 23 14.16 -7.18 -48.93
N ARG A 24 14.42 -6.52 -47.78
CA ARG A 24 15.72 -5.85 -47.55
C ARG A 24 16.55 -6.44 -46.38
N GLY A 25 15.96 -7.37 -45.62
CA GLY A 25 16.64 -8.03 -44.52
C GLY A 25 16.98 -9.48 -44.77
N VAL A 26 17.58 -10.14 -43.77
CA VAL A 26 17.97 -11.56 -43.77
C VAL A 26 17.58 -12.13 -42.40
N ASP A 27 17.82 -13.44 -42.15
CA ASP A 27 17.56 -14.05 -40.83
C ASP A 27 18.46 -13.39 -39.77
N GLY A 28 17.84 -12.96 -38.69
CA GLY A 28 18.50 -12.22 -37.62
C GLY A 28 18.32 -10.73 -37.75
N SER A 29 17.72 -10.24 -38.87
CA SER A 29 17.45 -8.81 -39.09
C SER A 29 16.28 -8.36 -38.21
N PHE A 30 16.37 -7.14 -37.69
CA PHE A 30 15.35 -6.61 -36.79
C PHE A 30 15.23 -5.10 -36.90
N LEU A 31 14.12 -4.57 -36.37
CA LEU A 31 13.83 -3.15 -36.23
C LEU A 31 12.85 -2.98 -35.05
N ALA A 32 12.77 -1.77 -34.50
CA ALA A 32 11.84 -1.43 -33.43
C ALA A 32 11.05 -0.24 -33.95
N ARG A 33 9.79 -0.16 -33.58
CA ARG A 33 8.90 0.87 -34.07
C ARG A 33 7.81 1.17 -33.04
N PRO A 34 7.05 2.30 -33.17
CA PRO A 34 5.93 2.52 -32.25
C PRO A 34 4.77 1.61 -32.64
N SER A 35 3.96 1.17 -31.67
CA SER A 35 2.81 0.29 -31.94
C SER A 35 1.62 1.12 -32.42
N LYS A 36 1.19 0.88 -33.68
CA LYS A 36 0.06 1.58 -34.31
C LYS A 36 -1.31 1.15 -33.71
N SER A 37 -1.48 -0.16 -33.36
CA SER A 37 -2.69 -0.75 -32.78
C SER A 37 -2.94 -0.37 -31.29
N ASN A 38 -1.91 0.14 -30.60
CA ASN A 38 -2.00 0.60 -29.20
C ASN A 38 -0.95 1.69 -28.94
N PRO A 39 -1.24 2.97 -29.28
CA PRO A 39 -0.21 4.03 -29.09
C PRO A 39 0.28 4.12 -27.64
N GLY A 40 1.59 4.35 -27.50
CA GLY A 40 2.28 4.40 -26.21
C GLY A 40 3.10 3.14 -26.01
N ASP A 41 2.84 2.13 -26.84
CA ASP A 41 3.56 0.86 -26.81
C ASP A 41 4.47 0.80 -28.03
N PHE A 42 5.38 -0.18 -28.05
CA PHE A 42 6.32 -0.38 -29.14
C PHE A 42 6.33 -1.85 -29.61
N THR A 43 6.80 -2.09 -30.83
CA THR A 43 6.89 -3.43 -31.41
C THR A 43 8.32 -3.71 -31.88
N LEU A 44 8.89 -4.84 -31.43
CA LEU A 44 10.19 -5.36 -31.86
C LEU A 44 9.90 -6.41 -32.97
N SER A 45 10.10 -6.03 -34.25
CA SER A 45 9.84 -6.87 -35.43
C SER A 45 11.09 -7.60 -35.83
N VAL A 46 11.10 -8.94 -35.73
CA VAL A 46 12.28 -9.77 -36.00
C VAL A 46 12.09 -10.83 -37.10
N ARG A 47 13.08 -10.96 -38.00
CA ARG A 47 13.11 -12.01 -39.02
C ARG A 47 13.91 -13.22 -38.51
N ARG A 48 13.25 -14.40 -38.50
CA ARG A 48 13.82 -15.68 -38.06
C ARG A 48 13.27 -16.79 -38.94
N ASN A 49 14.18 -17.54 -39.58
CA ASN A 49 13.89 -18.64 -40.50
C ASN A 49 12.77 -18.31 -41.51
N GLY A 50 13.04 -17.29 -42.33
CA GLY A 50 12.18 -16.83 -43.41
C GLY A 50 10.92 -16.06 -43.07
N ALA A 51 10.53 -16.02 -41.78
CA ALA A 51 9.33 -15.29 -41.39
C ALA A 51 9.58 -14.15 -40.39
N VAL A 52 8.65 -13.17 -40.38
CA VAL A 52 8.68 -11.99 -39.51
C VAL A 52 7.72 -12.18 -38.33
N THR A 53 8.26 -12.02 -37.12
CA THR A 53 7.52 -12.07 -35.87
C THR A 53 7.51 -10.67 -35.24
N HIS A 54 6.45 -10.37 -34.47
CA HIS A 54 6.26 -9.11 -33.80
C HIS A 54 6.17 -9.33 -32.28
N ILE A 55 7.05 -8.65 -31.53
CA ILE A 55 7.17 -8.75 -30.07
C ILE A 55 6.84 -7.42 -29.40
N LYS A 56 5.82 -7.45 -28.54
CA LYS A 56 5.33 -6.28 -27.83
C LYS A 56 6.26 -5.80 -26.72
N ILE A 57 6.45 -4.48 -26.67
CA ILE A 57 7.17 -3.74 -25.63
C ILE A 57 6.12 -2.80 -25.06
N GLN A 58 5.92 -2.84 -23.73
CA GLN A 58 4.98 -1.98 -23.04
C GLN A 58 5.71 -1.04 -22.16
N ASN A 59 5.18 0.15 -22.02
CA ASN A 59 5.74 1.11 -21.10
C ASN A 59 4.61 1.99 -20.59
N THR A 60 4.23 1.82 -19.30
CA THR A 60 3.16 2.61 -18.64
C THR A 60 3.79 3.75 -17.87
N GLY A 61 5.12 3.75 -17.83
CA GLY A 61 5.87 4.83 -17.19
C GLY A 61 7.02 4.44 -16.30
N ASP A 62 7.22 3.13 -16.05
CA ASP A 62 8.29 2.69 -15.14
C ASP A 62 9.50 2.10 -15.81
N TYR A 63 9.32 1.47 -17.00
CA TYR A 63 10.33 0.72 -17.75
C TYR A 63 9.77 0.17 -19.04
N TYR A 64 10.67 -0.23 -19.94
CA TYR A 64 10.31 -0.89 -21.21
C TYR A 64 10.25 -2.36 -20.91
N ASP A 65 9.03 -2.92 -20.88
CA ASP A 65 8.77 -4.31 -20.56
C ASP A 65 8.53 -5.11 -21.87
N LEU A 66 9.54 -5.92 -22.27
CA LEU A 66 9.53 -6.73 -23.47
C LEU A 66 8.86 -8.10 -23.21
N TYR A 67 7.83 -8.45 -24.04
CA TYR A 67 7.14 -9.74 -23.90
C TYR A 67 8.12 -10.88 -24.14
N GLY A 68 8.18 -11.80 -23.19
CA GLY A 68 9.09 -12.95 -23.26
C GLY A 68 10.55 -12.58 -23.10
N GLY A 69 10.79 -11.38 -22.56
CA GLY A 69 12.12 -10.82 -22.29
C GLY A 69 12.19 -10.15 -20.93
N GLU A 70 13.03 -9.10 -20.83
CA GLU A 70 13.23 -8.40 -19.56
C GLU A 70 12.71 -6.95 -19.59
N LYS A 71 12.90 -6.23 -18.46
CA LYS A 71 12.56 -4.83 -18.23
C LYS A 71 13.84 -4.00 -18.41
N PHE A 72 13.77 -3.00 -19.31
CA PHE A 72 14.92 -2.15 -19.67
C PHE A 72 14.66 -0.67 -19.43
N ALA A 73 15.73 0.12 -19.20
CA ALA A 73 15.59 1.56 -19.01
C ALA A 73 15.36 2.35 -20.31
N THR A 74 15.91 1.89 -21.43
CA THR A 74 15.75 2.53 -22.76
C THR A 74 15.68 1.44 -23.84
N LEU A 75 15.18 1.76 -25.05
CA LEU A 75 15.19 0.79 -26.16
C LEU A 75 16.63 0.52 -26.64
N ALA A 76 17.51 1.57 -26.60
CA ALA A 76 18.92 1.42 -26.98
C ALA A 76 19.62 0.46 -26.03
N GLU A 77 19.30 0.51 -24.69
CA GLU A 77 19.85 -0.43 -23.72
C GLU A 77 19.36 -1.86 -23.94
N LEU A 78 18.05 -2.07 -24.28
CA LEU A 78 17.39 -3.36 -24.58
C LEU A 78 18.13 -4.01 -25.75
N VAL A 79 18.21 -3.26 -26.88
CA VAL A 79 18.85 -3.67 -28.14
C VAL A 79 20.32 -4.08 -27.91
N GLN A 80 21.10 -3.28 -27.15
CA GLN A 80 22.50 -3.58 -26.84
C GLN A 80 22.63 -4.86 -26.02
N TYR A 81 21.68 -5.10 -25.08
CA TYR A 81 21.71 -6.30 -24.25
C TYR A 81 21.51 -7.56 -25.06
N TYR A 82 20.51 -7.58 -25.96
CA TYR A 82 20.21 -8.74 -26.79
C TYR A 82 21.19 -8.93 -27.91
N MET A 83 21.87 -7.86 -28.33
CA MET A 83 22.88 -7.97 -29.38
C MET A 83 24.17 -8.58 -28.84
N GLU A 84 24.52 -8.26 -27.57
CA GLU A 84 25.71 -8.79 -26.91
C GLU A 84 25.47 -10.16 -26.22
N HIS A 85 24.20 -10.58 -26.10
CA HIS A 85 23.79 -11.86 -25.49
C HIS A 85 23.15 -12.82 -26.51
N GLY A 94 8.23 -21.98 -27.23
CA GLY A 94 9.01 -20.80 -26.86
C GLY A 94 10.51 -20.96 -27.04
N ASP A 95 11.01 -20.86 -28.29
CA ASP A 95 12.43 -21.00 -28.60
C ASP A 95 13.14 -19.62 -28.82
N VAL A 96 14.45 -19.66 -29.20
CA VAL A 96 15.33 -18.51 -29.36
C VAL A 96 14.97 -17.57 -30.56
N ILE A 97 15.11 -16.26 -30.29
CA ILE A 97 14.99 -15.15 -31.23
C ILE A 97 16.33 -14.42 -31.18
N GLU A 98 17.01 -14.31 -32.32
CA GLU A 98 18.33 -13.67 -32.43
C GLU A 98 18.25 -12.30 -33.05
N LEU A 99 18.84 -11.27 -32.37
CA LEU A 99 18.93 -9.90 -32.88
C LEU A 99 20.34 -9.77 -33.41
N LYS A 100 20.54 -9.94 -34.72
CA LYS A 100 21.89 -9.88 -35.28
C LYS A 100 22.18 -8.61 -36.07
N TYR A 101 21.24 -8.23 -36.98
CA TYR A 101 21.41 -7.13 -37.93
C TYR A 101 20.34 -6.05 -37.85
N PRO A 102 20.71 -4.83 -37.42
CA PRO A 102 19.70 -3.76 -37.43
C PRO A 102 19.29 -3.37 -38.86
N LEU A 103 17.98 -3.28 -39.13
CA LEU A 103 17.51 -2.81 -40.43
C LEU A 103 17.41 -1.29 -40.27
N ASN A 104 18.32 -0.56 -40.92
CA ASN A 104 18.43 0.89 -40.78
C ASN A 104 17.31 1.65 -41.45
N CYS A 105 16.83 2.69 -40.76
CA CYS A 105 15.78 3.61 -41.18
C CYS A 105 16.44 4.76 -41.90
N ALA A 106 15.86 5.19 -43.03
CA ALA A 106 16.36 6.31 -43.83
C ALA A 106 15.53 7.59 -43.59
N ASP A 107 14.40 7.47 -42.84
CA ASP A 107 13.50 8.58 -42.52
C ASP A 107 14.23 9.66 -41.68
N PRO A 108 14.30 10.93 -42.13
CA PRO A 108 15.02 11.93 -41.35
C PRO A 108 14.19 12.68 -40.30
N THR A 109 12.90 12.33 -40.10
CA THR A 109 11.96 13.04 -39.21
C THR A 109 12.44 13.29 -37.78
N SER A 110 13.11 12.31 -37.17
CA SER A 110 13.55 12.40 -35.77
C SER A 110 14.95 12.95 -35.61
N GLU A 111 15.51 13.55 -36.70
CA GLU A 111 16.85 14.11 -36.63
C GLU A 111 16.70 15.51 -36.14
N ARG A 112 17.59 15.94 -35.25
CA ARG A 112 17.57 17.27 -34.65
C ARG A 112 17.65 18.39 -35.70
N TRP A 113 18.46 18.19 -36.76
CA TRP A 113 18.69 19.16 -37.84
C TRP A 113 17.61 19.16 -38.91
N PHE A 114 16.71 18.17 -38.93
CA PHE A 114 15.65 18.12 -39.94
C PHE A 114 14.42 19.02 -39.61
N HIS A 115 14.08 19.96 -40.53
CA HIS A 115 12.98 20.92 -40.34
C HIS A 115 11.76 20.77 -41.28
N GLY A 116 11.88 19.93 -42.32
CA GLY A 116 10.82 19.69 -43.30
C GLY A 116 10.43 20.94 -44.06
N HIS A 117 9.16 21.36 -43.94
CA HIS A 117 8.65 22.56 -44.61
C HIS A 117 9.14 23.80 -43.90
N LEU A 118 10.03 24.54 -44.57
CA LEU A 118 10.67 25.78 -44.12
C LEU A 118 11.23 26.47 -45.36
N SER A 119 11.23 27.82 -45.37
CA SER A 119 11.72 28.62 -46.48
C SER A 119 13.16 29.05 -46.22
N GLY A 120 13.85 29.49 -47.28
CA GLY A 120 15.20 30.00 -47.21
C GLY A 120 15.27 31.32 -46.45
N LYS A 121 14.15 32.06 -46.42
CA LYS A 121 13.99 33.33 -45.71
C LYS A 121 13.82 33.01 -44.22
N GLU A 122 12.87 32.09 -43.89
CA GLU A 122 12.58 31.65 -42.53
C GLU A 122 13.75 30.92 -41.86
N ALA A 123 14.49 30.07 -42.62
CA ALA A 123 15.66 29.33 -42.13
C ALA A 123 16.75 30.31 -41.81
N GLU A 124 16.88 31.36 -42.64
CA GLU A 124 17.84 32.45 -42.47
C GLU A 124 17.50 33.27 -41.22
N LYS A 125 16.20 33.48 -40.94
CA LYS A 125 15.73 34.22 -39.76
C LYS A 125 16.04 33.46 -38.48
N LEU A 126 15.71 32.16 -38.44
CA LEU A 126 15.97 31.24 -37.33
C LEU A 126 17.49 31.08 -37.12
N LEU A 127 18.27 30.94 -38.22
CA LEU A 127 19.74 30.87 -38.10
C LEU A 127 20.37 32.19 -37.63
N THR A 128 19.66 33.32 -37.81
CA THR A 128 20.13 34.63 -37.35
C THR A 128 19.87 34.78 -35.85
N GLU A 129 18.65 34.41 -35.40
CA GLU A 129 18.24 34.51 -34.00
C GLU A 129 18.99 33.57 -33.06
N LYS A 130 18.94 32.24 -33.32
CA LYS A 130 19.52 31.21 -32.43
C LYS A 130 20.84 30.62 -32.85
N GLY A 131 21.19 30.78 -34.13
CA GLY A 131 22.42 30.23 -34.69
C GLY A 131 23.71 30.90 -34.25
N LYS A 132 24.81 30.16 -34.42
CA LYS A 132 26.19 30.54 -34.14
C LYS A 132 27.07 29.83 -35.16
N HIS A 133 28.41 30.05 -35.13
CA HIS A 133 29.29 29.40 -36.11
C HIS A 133 29.14 27.86 -36.10
N GLY A 134 28.79 27.32 -37.26
CA GLY A 134 28.59 25.89 -37.44
C GLY A 134 27.18 25.37 -37.22
N SER A 135 26.21 26.27 -36.93
CA SER A 135 24.81 25.88 -36.76
C SER A 135 24.18 25.56 -38.11
N PHE A 136 23.39 24.45 -38.21
CA PHE A 136 22.79 24.04 -39.48
C PHE A 136 21.40 23.38 -39.35
N LEU A 137 20.83 23.10 -40.53
CA LEU A 137 19.53 22.44 -40.69
C LEU A 137 19.38 21.90 -42.11
N VAL A 138 18.40 21.01 -42.30
CA VAL A 138 18.01 20.43 -43.58
C VAL A 138 16.50 20.61 -43.68
N ARG A 139 16.05 21.22 -44.79
CA ARG A 139 14.64 21.51 -45.07
C ARG A 139 14.30 21.10 -46.50
N GLU A 140 13.01 20.91 -46.79
CA GLU A 140 12.50 20.53 -48.11
C GLU A 140 12.64 21.71 -49.06
N SER A 141 13.07 21.46 -50.32
CA SER A 141 13.27 22.55 -51.30
C SER A 141 11.96 23.08 -51.84
N GLN A 142 11.90 24.41 -51.95
CA GLN A 142 10.77 25.20 -52.41
C GLN A 142 10.61 25.08 -53.94
N SER A 143 11.63 25.55 -54.68
CA SER A 143 11.71 25.58 -56.13
C SER A 143 11.74 24.18 -56.76
N HIS A 144 12.45 23.23 -56.12
CA HIS A 144 12.60 21.85 -56.59
C HIS A 144 11.79 20.89 -55.68
N PRO A 145 10.51 20.56 -56.01
CA PRO A 145 9.75 19.67 -55.12
C PRO A 145 10.24 18.22 -55.11
N GLY A 146 10.74 17.80 -53.94
CA GLY A 146 11.30 16.47 -53.70
C GLY A 146 12.77 16.50 -53.35
N ASP A 147 13.41 17.67 -53.51
CA ASP A 147 14.81 17.96 -53.20
C ASP A 147 14.94 18.64 -51.83
N PHE A 148 16.16 18.79 -51.33
CA PHE A 148 16.34 19.38 -49.99
C PHE A 148 17.35 20.51 -50.00
N VAL A 149 17.43 21.29 -48.90
CA VAL A 149 18.38 22.40 -48.77
C VAL A 149 19.09 22.35 -47.43
N LEU A 150 20.43 22.29 -47.45
CA LEU A 150 21.25 22.34 -46.23
C LEU A 150 21.56 23.83 -46.04
N SER A 151 21.16 24.40 -44.89
CA SER A 151 21.39 25.80 -44.58
C SER A 151 22.32 25.92 -43.38
N VAL A 152 23.52 26.49 -43.61
CA VAL A 152 24.58 26.66 -42.60
C VAL A 152 24.86 28.11 -42.24
N ARG A 153 25.19 28.35 -40.97
CA ARG A 153 25.66 29.66 -40.50
C ARG A 153 27.18 29.53 -40.27
N THR A 154 27.94 30.52 -40.77
CA THR A 154 29.39 30.63 -40.61
C THR A 154 29.78 32.05 -40.15
N GLY A 155 30.94 32.20 -39.51
CA GLY A 155 31.43 33.50 -39.05
C GLY A 155 31.91 33.53 -37.61
N ASP A 156 31.35 34.47 -36.84
CA ASP A 156 31.59 34.68 -35.41
C ASP A 156 30.37 34.25 -34.59
N SER A 166 29.60 37.26 -40.18
CA SER A 166 28.70 36.11 -40.19
C SER A 166 27.77 36.09 -41.41
N LYS A 167 27.39 34.88 -41.86
CA LYS A 167 26.50 34.68 -43.03
C LYS A 167 25.80 33.31 -43.00
N VAL A 168 24.84 33.11 -43.93
CA VAL A 168 24.13 31.86 -44.10
C VAL A 168 24.29 31.40 -45.56
N THR A 169 24.69 30.12 -45.77
CA THR A 169 24.88 29.48 -47.07
C THR A 169 23.84 28.36 -47.23
N HIS A 170 23.26 28.27 -48.44
CA HIS A 170 22.28 27.29 -48.84
C HIS A 170 22.88 26.32 -49.89
N VAL A 171 22.94 25.02 -49.53
CA VAL A 171 23.47 23.97 -50.39
C VAL A 171 22.30 23.09 -50.82
N MET A 172 22.07 23.02 -52.13
CA MET A 172 21.01 22.23 -52.72
C MET A 172 21.35 20.74 -52.59
N ILE A 173 20.36 19.92 -52.15
CA ILE A 173 20.51 18.47 -51.98
C ILE A 173 19.56 17.80 -52.96
N ARG A 174 20.12 17.19 -54.01
CA ARG A 174 19.36 16.51 -55.06
C ARG A 174 18.90 15.12 -54.63
N CYS A 175 17.65 14.83 -54.93
CA CYS A 175 17.12 13.52 -54.67
C CYS A 175 16.93 12.90 -56.04
N GLN A 176 17.78 11.93 -56.36
CA GLN A 176 17.78 11.23 -57.65
C GLN A 176 17.78 9.73 -57.38
N GLU A 177 16.64 9.06 -57.62
CA GLU A 177 16.45 7.61 -57.41
C GLU A 177 16.68 7.23 -55.92
N LEU A 178 16.09 8.01 -55.02
CA LEU A 178 16.12 7.91 -53.55
C LEU A 178 17.55 7.81 -52.97
N LYS A 179 18.47 8.53 -53.62
CA LYS A 179 19.84 8.72 -53.22
C LYS A 179 20.03 10.22 -53.24
N TYR A 180 20.84 10.74 -52.31
CA TYR A 180 21.06 12.17 -52.06
C TYR A 180 22.47 12.61 -52.38
N ASP A 181 22.58 13.78 -53.03
CA ASP A 181 23.87 14.31 -53.44
C ASP A 181 23.85 15.83 -53.45
N VAL A 182 25.03 16.45 -53.41
CA VAL A 182 25.19 17.90 -53.41
C VAL A 182 25.70 18.46 -54.78
N GLY A 183 25.53 17.68 -55.85
CA GLY A 183 25.93 18.07 -57.20
C GLY A 183 27.01 17.21 -57.82
N GLY A 184 27.82 16.59 -56.97
CA GLY A 184 28.91 15.73 -57.39
C GLY A 184 29.40 14.87 -56.26
N GLY A 185 30.26 13.92 -56.63
CA GLY A 185 30.87 12.97 -55.71
C GLY A 185 29.94 11.83 -55.38
N GLU A 186 29.90 11.47 -54.09
CA GLU A 186 29.13 10.37 -53.53
C GLU A 186 27.61 10.59 -53.53
N ARG A 187 26.86 9.48 -53.69
CA ARG A 187 25.40 9.44 -53.68
C ARG A 187 25.00 8.62 -52.43
N PHE A 188 24.26 9.24 -51.50
CA PHE A 188 23.90 8.63 -50.21
C PHE A 188 22.50 8.00 -50.17
N ASP A 189 22.38 6.88 -49.46
CA ASP A 189 21.12 6.15 -49.31
C ASP A 189 20.10 6.83 -48.38
N SER A 190 20.53 7.90 -47.65
CA SER A 190 19.68 8.69 -46.75
C SER A 190 20.29 10.07 -46.52
N LEU A 191 19.47 11.03 -46.05
CA LEU A 191 19.94 12.37 -45.70
C LEU A 191 20.92 12.27 -44.53
N THR A 192 20.64 11.36 -43.59
CA THR A 192 21.51 11.07 -42.42
C THR A 192 22.93 10.74 -42.86
N ASP A 193 23.07 9.81 -43.83
CA ASP A 193 24.36 9.42 -44.42
C ASP A 193 25.07 10.64 -45.04
N LEU A 194 24.33 11.51 -45.75
CA LEU A 194 24.89 12.71 -46.37
C LEU A 194 25.38 13.67 -45.29
N VAL A 195 24.53 13.91 -44.26
CA VAL A 195 24.82 14.82 -43.14
C VAL A 195 26.04 14.35 -42.38
N GLU A 196 26.13 13.01 -42.07
CA GLU A 196 27.28 12.44 -41.36
C GLU A 196 28.58 12.60 -42.14
N HIS A 197 28.55 12.32 -43.45
CA HIS A 197 29.70 12.46 -44.33
C HIS A 197 30.20 13.92 -44.38
N TYR A 198 29.31 14.89 -44.70
CA TYR A 198 29.72 16.29 -44.81
C TYR A 198 29.97 16.92 -43.44
N LYS A 199 29.65 16.22 -42.34
CA LYS A 199 30.02 16.65 -40.98
C LYS A 199 31.51 16.29 -40.72
N LYS A 200 31.92 15.04 -41.06
CA LYS A 200 33.30 14.56 -40.92
C LYS A 200 34.23 15.25 -41.93
N ASN A 201 33.79 15.31 -43.21
CA ASN A 201 34.52 15.92 -44.34
C ASN A 201 33.79 17.21 -44.79
N PRO A 202 33.98 18.37 -44.11
CA PRO A 202 33.23 19.57 -44.50
C PRO A 202 33.52 20.12 -45.88
N MET A 203 32.44 20.54 -46.58
CA MET A 203 32.48 21.15 -47.91
C MET A 203 33.26 22.48 -47.82
N VAL A 204 34.09 22.75 -48.82
CA VAL A 204 34.87 23.98 -48.88
C VAL A 204 34.36 24.78 -50.07
N GLU A 205 34.04 26.06 -49.84
CA GLU A 205 33.57 26.95 -50.89
C GLU A 205 34.75 27.44 -51.72
N THR A 206 34.49 27.75 -53.00
CA THR A 206 35.51 28.36 -53.86
C THR A 206 35.65 29.78 -53.33
N LEU A 207 36.82 30.06 -52.70
CA LEU A 207 37.28 31.28 -52.03
C LEU A 207 37.70 31.01 -50.58
N GLY A 208 37.57 29.74 -50.14
CA GLY A 208 38.09 29.30 -48.85
C GLY A 208 37.19 28.88 -47.72
N THR A 209 35.96 29.45 -47.63
CA THR A 209 35.00 29.19 -46.55
C THR A 209 34.70 27.70 -46.33
N VAL A 210 35.02 27.20 -45.12
CA VAL A 210 34.74 25.81 -44.74
C VAL A 210 33.31 25.75 -44.16
N LEU A 211 32.41 25.03 -44.83
CA LEU A 211 31.02 24.88 -44.40
C LEU A 211 30.89 23.78 -43.33
N GLN A 212 31.33 24.11 -42.12
CA GLN A 212 31.36 23.24 -40.96
C GLN A 212 29.97 23.03 -40.39
N LEU A 213 29.61 21.77 -40.17
CA LEU A 213 28.31 21.38 -39.61
C LEU A 213 28.58 21.02 -38.14
N LYS A 214 28.77 22.04 -37.30
CA LYS A 214 29.13 21.92 -35.88
C LYS A 214 28.01 21.37 -34.99
N GLN A 215 26.82 21.98 -35.05
CA GLN A 215 25.69 21.59 -34.22
C GLN A 215 24.36 21.91 -34.90
N PRO A 216 23.27 21.11 -34.67
CA PRO A 216 21.99 21.45 -35.29
C PRO A 216 21.41 22.71 -34.66
N LEU A 217 20.52 23.41 -35.39
CA LEU A 217 19.89 24.62 -34.87
C LEU A 217 18.89 24.24 -33.77
N ASN A 218 18.99 24.91 -32.62
CA ASN A 218 18.10 24.66 -31.49
C ASN A 218 16.69 25.18 -31.83
N THR A 219 15.66 24.39 -31.51
CA THR A 219 14.27 24.83 -31.76
C THR A 219 13.40 24.69 -30.53
N THR A 220 13.90 23.94 -29.55
CA THR A 220 13.15 23.63 -28.34
C THR A 220 13.32 24.67 -27.22
N ARG A 221 14.43 25.45 -27.18
CA ARG A 221 14.68 26.47 -26.15
C ARG A 221 13.72 27.65 -26.29
N ILE A 222 12.81 27.79 -25.33
CA ILE A 222 11.83 28.86 -25.34
C ILE A 222 11.95 29.73 -24.11
N ASN A 223 11.48 30.98 -24.24
CA ASN A 223 11.40 31.88 -23.11
C ASN A 223 10.23 31.36 -22.26
N ALA A 224 10.42 31.26 -20.93
CA ALA A 224 9.45 30.75 -19.96
C ALA A 224 8.03 31.38 -20.08
N ALA A 225 7.94 32.72 -20.18
CA ALA A 225 6.68 33.47 -20.32
C ALA A 225 5.80 32.94 -21.45
N GLU A 226 6.43 32.51 -22.58
CA GLU A 226 5.80 31.98 -23.80
C GLU A 226 5.55 30.44 -23.85
N ILE A 227 5.55 29.75 -22.70
CA ILE A 227 5.28 28.30 -22.61
C ILE A 227 3.87 27.94 -23.16
N GLU A 228 2.86 28.79 -22.89
CA GLU A 228 1.47 28.62 -23.33
C GLU A 228 1.36 28.54 -24.85
N SER A 229 2.19 29.31 -25.56
CA SER A 229 2.20 29.37 -27.02
C SER A 229 2.79 28.06 -27.61
N ARG A 230 3.94 27.60 -27.08
CA ARG A 230 4.59 26.36 -27.51
C ARG A 230 3.73 25.13 -27.19
N VAL A 231 3.10 25.10 -25.99
CA VAL A 231 2.20 24.01 -25.59
C VAL A 231 1.05 23.89 -26.61
N ARG A 232 0.51 25.06 -27.05
CA ARG A 232 -0.53 25.15 -28.10
C ARG A 232 -0.01 24.64 -29.45
N GLU A 233 1.26 24.98 -29.81
CA GLU A 233 1.91 24.56 -31.06
C GLU A 233 2.13 23.03 -31.05
N LEU A 234 2.53 22.46 -29.88
CA LEU A 234 2.78 21.04 -29.70
C LEU A 234 1.50 20.22 -29.50
N SER A 235 0.40 20.87 -29.04
CA SER A 235 -0.88 20.17 -28.82
C SER A 235 -1.69 19.91 -30.10
N LYS A 236 -1.26 20.50 -31.25
CA LYS A 236 -1.88 20.33 -32.57
C LYS A 236 -1.71 18.90 -33.07
N GLY A 247 2.48 17.33 -32.08
CA GLY A 247 3.75 18.02 -31.89
C GLY A 247 4.58 17.42 -30.77
N PHE A 248 3.93 17.08 -29.63
CA PHE A 248 4.58 16.47 -28.47
C PHE A 248 5.28 15.15 -28.81
N TRP A 249 4.61 14.32 -29.63
CA TRP A 249 5.13 13.03 -30.08
C TRP A 249 6.41 13.18 -30.92
N GLU A 250 6.45 14.15 -31.84
CA GLU A 250 7.59 14.35 -32.73
C GLU A 250 8.78 14.86 -31.96
N GLU A 251 8.56 15.86 -31.08
CA GLU A 251 9.61 16.41 -30.22
C GLU A 251 10.21 15.35 -29.28
N PHE A 252 9.36 14.57 -28.57
CA PHE A 252 9.83 13.48 -27.69
C PHE A 252 10.69 12.44 -28.42
N GLU A 253 10.18 11.98 -29.57
CA GLU A 253 10.88 10.95 -30.36
C GLU A 253 12.19 11.44 -30.92
N THR A 254 12.34 12.77 -31.16
CA THR A 254 13.62 13.34 -31.59
C THR A 254 14.61 13.21 -30.42
N LEU A 255 14.14 13.50 -29.19
CA LEU A 255 14.90 13.36 -27.96
C LEU A 255 15.27 11.89 -27.74
N GLN A 256 14.33 10.97 -27.94
CA GLN A 256 14.61 9.53 -27.80
C GLN A 256 15.71 9.05 -28.71
N GLN A 257 15.81 9.65 -29.90
CA GLN A 257 16.84 9.31 -30.86
C GLN A 257 18.23 9.62 -30.34
N GLN A 258 18.35 10.53 -29.37
CA GLN A 258 19.63 10.95 -28.79
C GLN A 258 20.13 10.06 -27.66
N GLU A 259 19.34 9.07 -27.25
CA GLU A 259 19.66 8.16 -26.13
C GLU A 259 20.84 7.23 -26.39
N CYS A 260 21.16 6.94 -27.68
CA CYS A 260 22.28 6.08 -28.10
C CYS A 260 23.66 6.66 -27.69
N LYS A 261 23.68 7.96 -27.35
CA LYS A 261 24.87 8.70 -26.90
C LYS A 261 25.12 8.49 -25.39
N LEU A 262 24.13 7.93 -24.68
CA LEU A 262 24.20 7.77 -23.23
C LEU A 262 24.36 6.31 -22.76
N LEU A 263 24.98 5.44 -23.59
CA LEU A 263 25.20 4.03 -23.23
C LEU A 263 26.48 3.83 -22.41
N TYR A 264 26.58 4.56 -21.27
CA TYR A 264 27.69 4.53 -20.31
C TYR A 264 27.76 3.21 -19.56
N SER A 265 28.95 2.88 -19.04
CA SER A 265 29.18 1.62 -18.31
C SER A 265 28.44 1.53 -16.99
N ARG A 266 27.90 0.34 -16.74
CA ARG A 266 27.15 -0.01 -15.55
C ARG A 266 27.72 -1.34 -15.02
N LYS A 267 29.08 -1.47 -15.00
CA LYS A 267 29.81 -2.65 -14.55
C LYS A 267 29.57 -3.02 -13.06
N GLU A 268 29.65 -2.03 -12.13
CA GLU A 268 29.43 -2.32 -10.69
C GLU A 268 28.09 -2.94 -10.44
N GLY A 269 27.07 -2.48 -11.16
CA GLY A 269 25.72 -3.02 -11.11
C GLY A 269 25.60 -4.45 -11.63
N GLN A 270 26.55 -4.90 -12.47
CA GLN A 270 26.55 -6.27 -13.04
C GLN A 270 27.32 -7.32 -12.22
N ARG A 271 28.12 -6.87 -11.21
CA ARG A 271 28.88 -7.80 -10.35
C ARG A 271 27.98 -8.78 -9.61
N GLN A 272 28.45 -10.07 -9.50
CA GLN A 272 27.72 -11.15 -8.81
C GLN A 272 27.22 -10.73 -7.42
N GLU A 273 28.06 -10.03 -6.64
CA GLU A 273 27.76 -9.54 -5.26
C GLU A 273 26.65 -8.50 -5.24
N ASN A 274 26.41 -7.82 -6.38
CA ASN A 274 25.45 -6.73 -6.51
C ASN A 274 24.16 -7.04 -7.28
N LYS A 275 24.03 -8.27 -7.84
CA LYS A 275 22.87 -8.70 -8.61
C LYS A 275 21.55 -8.63 -7.85
N ASN A 276 21.53 -9.16 -6.61
CA ASN A 276 20.29 -9.18 -5.84
C ASN A 276 20.03 -7.85 -5.07
N LYS A 277 20.85 -6.82 -5.37
CA LYS A 277 20.68 -5.46 -4.82
C LYS A 277 19.93 -4.59 -5.83
N ASN A 278 19.58 -5.19 -6.99
CA ASN A 278 18.87 -4.49 -8.07
C ASN A 278 17.45 -5.03 -8.14
N ARG A 279 16.47 -4.12 -8.25
CA ARG A 279 15.05 -4.48 -8.31
C ARG A 279 14.73 -5.12 -9.68
N TYR A 280 15.27 -4.51 -10.73
CA TYR A 280 15.17 -5.02 -12.08
C TYR A 280 16.61 -5.23 -12.58
N LYS A 281 16.93 -6.50 -12.86
CA LYS A 281 18.23 -7.05 -13.29
C LYS A 281 19.07 -6.10 -14.23
N ASN A 282 18.41 -5.48 -15.23
CA ASN A 282 19.06 -4.64 -16.25
C ASN A 282 18.83 -3.15 -16.13
N ILE A 283 18.20 -2.69 -15.04
CA ILE A 283 18.02 -1.25 -14.81
C ILE A 283 19.07 -0.96 -13.77
N LEU A 284 20.23 -0.45 -14.24
CA LEU A 284 21.42 -0.30 -13.43
C LEU A 284 21.97 1.11 -13.36
N PRO A 285 22.69 1.47 -12.27
CA PRO A 285 23.24 2.82 -12.18
C PRO A 285 24.53 2.94 -12.98
N PHE A 286 24.75 4.10 -13.61
CA PHE A 286 25.97 4.37 -14.35
C PHE A 286 27.10 4.39 -13.35
N ASP A 287 28.23 3.74 -13.67
CA ASP A 287 29.39 3.72 -12.78
C ASP A 287 29.89 5.13 -12.44
N HIS A 288 29.96 6.04 -13.41
CA HIS A 288 30.53 7.38 -13.20
C HIS A 288 29.68 8.28 -12.25
N THR A 289 28.37 8.04 -12.14
CA THR A 289 27.50 8.83 -11.26
C THR A 289 26.89 8.04 -10.07
N ARG A 290 27.08 6.71 -9.99
CA ARG A 290 26.52 5.93 -8.88
C ARG A 290 26.94 6.46 -7.50
N VAL A 291 26.10 6.24 -6.48
CA VAL A 291 26.42 6.62 -5.10
C VAL A 291 27.28 5.50 -4.51
N VAL A 292 28.54 5.81 -4.19
CA VAL A 292 29.50 4.88 -3.58
C VAL A 292 29.38 5.01 -2.03
N LEU A 293 29.18 3.86 -1.34
CA LEU A 293 29.02 3.77 0.12
C LEU A 293 30.35 3.41 0.75
N HIS A 294 30.83 4.26 1.66
CA HIS A 294 32.18 4.17 2.19
C HIS A 294 32.43 3.57 3.59
N ASP A 295 31.44 3.45 4.47
CA ASP A 295 31.82 2.86 5.78
C ASP A 295 31.14 1.53 6.05
N SER A 303 28.98 -3.57 1.74
CA SER A 303 29.90 -3.11 0.72
C SER A 303 29.61 -1.67 0.28
N ASP A 304 30.00 -1.31 -0.94
CA ASP A 304 29.93 0.05 -1.50
C ASP A 304 28.79 0.28 -2.49
N TYR A 305 27.87 -0.70 -2.64
CA TYR A 305 26.87 -0.59 -3.66
C TYR A 305 25.44 -0.40 -3.23
N ILE A 306 24.80 0.54 -3.95
CA ILE A 306 23.37 0.85 -3.92
C ILE A 306 22.98 1.24 -5.37
N ASN A 307 21.75 0.89 -5.81
CA ASN A 307 21.25 1.25 -7.12
C ASN A 307 20.66 2.66 -6.98
N ALA A 308 21.55 3.67 -7.10
CA ALA A 308 21.23 5.09 -6.96
C ALA A 308 22.28 5.89 -7.72
N ASN A 309 21.91 7.08 -8.17
CA ASN A 309 22.82 7.97 -8.87
C ASN A 309 22.67 9.41 -8.38
N ILE A 310 23.78 10.17 -8.41
CA ILE A 310 23.75 11.59 -8.08
C ILE A 310 23.22 12.29 -9.34
N ILE A 311 22.22 13.14 -9.17
CA ILE A 311 21.67 13.97 -10.26
C ILE A 311 22.03 15.43 -9.94
N MET A 312 22.84 16.04 -10.82
CA MET A 312 23.32 17.43 -10.73
C MET A 312 22.67 18.28 -11.81
N PRO A 313 21.96 19.38 -11.44
CA PRO A 313 21.26 20.17 -12.46
C PRO A 313 22.12 21.24 -13.11
N LYS A 326 21.23 22.90 -5.53
CA LYS A 326 20.48 21.75 -5.01
C LYS A 326 20.67 20.54 -5.88
N SER A 327 21.09 19.41 -5.32
CA SER A 327 21.23 18.17 -6.11
C SER A 327 20.24 17.05 -5.61
N TYR A 328 20.22 15.91 -6.31
CA TYR A 328 19.31 14.80 -6.01
C TYR A 328 20.01 13.49 -6.07
N ILE A 329 19.38 12.48 -5.46
CA ILE A 329 19.81 11.09 -5.55
C ILE A 329 18.58 10.40 -6.14
N ALA A 330 18.69 9.88 -7.40
CA ALA A 330 17.58 9.16 -8.00
C ALA A 330 17.84 7.67 -7.75
N THR A 331 16.90 7.00 -7.08
CA THR A 331 17.10 5.61 -6.65
C THR A 331 15.81 4.79 -6.85
N GLN A 332 15.91 3.49 -6.70
CA GLN A 332 14.80 2.57 -6.78
C GLN A 332 14.15 2.43 -5.39
N GLY A 333 12.97 1.82 -5.34
CA GLY A 333 12.33 1.44 -4.09
C GLY A 333 13.13 0.31 -3.47
N CYS A 334 13.32 0.40 -2.14
CA CYS A 334 14.05 -0.57 -1.31
C CYS A 334 13.60 -1.97 -1.48
N LEU A 335 14.56 -2.89 -1.47
CA LEU A 335 14.28 -4.31 -1.36
C LEU A 335 14.56 -4.64 0.12
N GLN A 336 14.05 -5.79 0.61
CA GLN A 336 14.22 -6.26 1.98
C GLN A 336 15.73 -6.23 2.31
N ASN A 337 16.55 -6.74 1.41
CA ASN A 337 18.00 -6.77 1.54
C ASN A 337 18.71 -5.43 1.23
N THR A 338 17.99 -4.32 0.89
CA THR A 338 18.72 -3.07 0.59
C THR A 338 18.34 -1.91 1.54
N VAL A 339 17.44 -2.16 2.50
CA VAL A 339 16.98 -1.13 3.46
C VAL A 339 18.14 -0.54 4.24
N ASN A 340 19.08 -1.38 4.76
CA ASN A 340 20.22 -0.90 5.55
C ASN A 340 21.13 0.01 4.72
N ASP A 341 21.48 -0.42 3.50
CA ASP A 341 22.31 0.36 2.58
C ASP A 341 21.63 1.64 2.14
N PHE A 342 20.28 1.66 2.10
CA PHE A 342 19.51 2.84 1.81
C PHE A 342 19.74 3.86 2.92
N TRP A 343 19.69 3.40 4.19
CA TRP A 343 19.88 4.32 5.32
C TRP A 343 21.33 4.77 5.46
N ARG A 344 22.30 3.89 5.12
CA ARG A 344 23.73 4.27 5.12
C ARG A 344 23.93 5.39 4.06
N MET A 345 23.23 5.29 2.92
CA MET A 345 23.30 6.29 1.86
C MET A 345 22.78 7.64 2.35
N VAL A 346 21.59 7.67 2.92
CA VAL A 346 20.94 8.88 3.44
C VAL A 346 21.84 9.52 4.50
N PHE A 347 22.37 8.69 5.42
CA PHE A 347 23.27 9.20 6.48
C PHE A 347 24.58 9.79 5.91
N GLN A 348 25.27 9.04 5.04
CA GLN A 348 26.53 9.49 4.43
C GLN A 348 26.36 10.76 3.60
N GLU A 349 25.26 10.86 2.82
CA GLU A 349 25.08 11.97 1.91
C GLU A 349 24.48 13.19 2.58
N ASN A 350 24.14 13.05 3.87
CA ASN A 350 23.56 14.13 4.66
C ASN A 350 22.17 14.55 4.12
N SER A 351 21.49 13.63 3.41
CA SER A 351 20.13 13.91 2.90
C SER A 351 19.16 14.11 4.09
N ARG A 352 18.34 15.16 3.99
CA ARG A 352 17.40 15.56 5.01
C ARG A 352 15.96 15.44 4.51
N VAL A 353 15.79 15.13 3.21
CA VAL A 353 14.50 15.09 2.52
C VAL A 353 14.48 13.89 1.54
N ILE A 354 13.42 13.07 1.63
CA ILE A 354 13.17 11.92 0.75
C ILE A 354 11.80 12.16 0.14
N VAL A 355 11.70 12.02 -1.19
CA VAL A 355 10.49 12.11 -1.99
C VAL A 355 10.20 10.67 -2.47
N MET A 356 9.05 10.08 -2.05
CA MET A 356 8.63 8.74 -2.47
C MET A 356 7.40 8.87 -3.39
N THR A 357 7.49 8.42 -4.65
CA THR A 357 6.40 8.61 -5.62
C THR A 357 5.74 7.29 -6.09
N THR A 358 5.54 6.38 -5.14
CA THR A 358 4.88 5.10 -5.33
C THR A 358 4.23 4.67 -4.01
N LYS A 359 3.21 3.78 -4.10
CA LYS A 359 2.63 3.13 -2.95
C LYS A 359 3.59 1.94 -2.65
N GLU A 360 3.54 1.36 -1.49
CA GLU A 360 4.38 0.18 -1.24
C GLU A 360 4.02 -0.95 -2.20
N VAL A 361 2.71 -1.12 -2.45
CA VAL A 361 2.10 -2.09 -3.35
C VAL A 361 1.20 -1.36 -4.35
N GLU A 362 1.38 -1.68 -5.63
CA GLU A 362 0.54 -1.19 -6.74
C GLU A 362 0.24 -2.37 -7.63
N ARG A 363 -1.04 -2.53 -8.01
CA ARG A 363 -1.55 -3.65 -8.83
C ARG A 363 -1.22 -5.05 -8.25
N GLY A 364 -1.12 -5.13 -6.92
CA GLY A 364 -0.81 -6.35 -6.18
C GLY A 364 0.64 -6.82 -6.28
N LYS A 365 1.54 -5.90 -6.69
CA LYS A 365 2.96 -6.13 -6.83
C LYS A 365 3.71 -5.16 -5.90
N SER A 366 4.71 -5.68 -5.16
CA SER A 366 5.58 -4.94 -4.24
C SER A 366 6.48 -3.99 -5.04
N LYS A 367 6.30 -2.67 -4.86
CA LYS A 367 7.04 -1.59 -5.55
C LYS A 367 8.17 -1.01 -4.70
N CYS A 368 8.08 -1.16 -3.34
CA CYS A 368 9.05 -0.63 -2.40
C CYS A 368 8.76 -1.28 -1.06
N VAL A 369 9.75 -1.87 -0.37
CA VAL A 369 9.41 -2.40 0.96
C VAL A 369 9.36 -1.21 1.94
N LYS A 370 8.65 -1.36 3.10
CA LYS A 370 8.51 -0.32 4.11
C LYS A 370 9.87 -0.17 4.80
N TYR A 371 10.58 0.92 4.50
CA TYR A 371 11.94 1.16 5.02
C TYR A 371 11.96 2.06 6.24
N TRP A 372 10.79 2.55 6.66
CA TRP A 372 10.67 3.46 7.81
C TRP A 372 9.87 2.80 8.97
N PRO A 373 10.03 3.20 10.25
CA PRO A 373 9.20 2.62 11.31
C PRO A 373 7.75 3.14 11.30
N ASP A 374 6.86 2.47 12.05
CA ASP A 374 5.49 2.95 12.26
C ASP A 374 5.58 4.22 13.07
N GLU A 375 4.52 5.01 13.10
CA GLU A 375 4.45 6.26 13.84
C GLU A 375 4.71 6.01 15.32
N TYR A 376 5.68 6.76 15.89
CA TYR A 376 6.17 6.74 17.29
C TYR A 376 7.17 5.59 17.58
N ALA A 377 7.30 4.65 16.65
CA ALA A 377 8.19 3.53 16.84
C ALA A 377 9.67 3.89 16.51
N LEU A 378 10.58 3.12 17.10
CA LEU A 378 12.02 3.25 16.91
C LEU A 378 12.54 1.92 16.36
N LYS A 379 13.25 1.96 15.23
CA LYS A 379 13.83 0.76 14.61
C LYS A 379 15.33 0.89 14.34
N GLU A 380 16.03 -0.24 14.34
CA GLU A 380 17.45 -0.29 14.01
C GLU A 380 17.65 -1.06 12.70
N TYR A 381 18.18 -0.39 11.67
CA TYR A 381 18.47 -0.94 10.34
C TYR A 381 19.99 -0.96 10.19
N GLY A 382 20.62 -2.05 10.64
CA GLY A 382 22.08 -2.18 10.67
C GLY A 382 22.63 -1.25 11.74
N VAL A 383 23.66 -0.46 11.38
CA VAL A 383 24.34 0.56 12.18
C VAL A 383 23.47 1.82 12.33
N MET A 384 22.35 1.90 11.58
CA MET A 384 21.47 3.08 11.56
C MET A 384 20.24 2.91 12.39
N ARG A 385 19.80 4.02 13.00
CA ARG A 385 18.68 4.06 13.91
C ARG A 385 17.70 5.13 13.44
N VAL A 386 16.41 4.77 13.35
CA VAL A 386 15.34 5.66 12.87
C VAL A 386 14.13 5.64 13.77
N ARG A 387 13.67 6.84 14.13
CA ARG A 387 12.47 7.07 14.90
C ARG A 387 11.48 7.80 14.02
N ASN A 388 10.24 7.32 13.95
CA ASN A 388 9.23 8.06 13.22
C ASN A 388 8.53 8.90 14.29
N VAL A 389 8.91 10.20 14.36
CA VAL A 389 8.41 11.17 15.34
C VAL A 389 6.94 11.51 15.13
N LYS A 390 6.54 11.86 13.90
CA LYS A 390 5.15 12.26 13.61
C LYS A 390 4.81 12.07 12.14
N GLU A 391 3.55 11.62 11.86
CA GLU A 391 3.03 11.51 10.49
C GLU A 391 1.91 12.55 10.27
N SER A 392 2.01 13.31 9.17
CA SER A 392 1.03 14.34 8.80
C SER A 392 0.38 13.94 7.47
N ALA A 393 -0.95 13.87 7.45
CA ALA A 393 -1.68 13.46 6.24
C ALA A 393 -2.30 14.64 5.52
N ALA A 394 -2.01 14.73 4.21
CA ALA A 394 -2.56 15.74 3.32
C ALA A 394 -3.33 15.02 2.21
N HIS A 395 -3.99 15.79 1.32
CA HIS A 395 -4.81 15.26 0.21
C HIS A 395 -4.05 14.26 -0.67
N ASP A 396 -2.95 14.69 -1.34
CA ASP A 396 -2.18 13.82 -2.25
C ASP A 396 -1.02 13.06 -1.60
N TYR A 397 -0.63 13.43 -0.36
CA TYR A 397 0.57 12.81 0.26
C TYR A 397 0.54 12.72 1.78
N THR A 398 1.53 12.00 2.32
CA THR A 398 1.77 11.86 3.75
C THR A 398 3.23 12.26 4.07
N LEU A 399 3.42 13.17 5.06
CA LEU A 399 4.74 13.56 5.53
C LEU A 399 5.07 12.74 6.78
N ARG A 400 6.30 12.18 6.83
CA ARG A 400 6.82 11.43 7.97
C ARG A 400 8.11 12.12 8.45
N GLU A 401 8.09 12.59 9.72
CA GLU A 401 9.22 13.25 10.38
C GLU A 401 10.02 12.18 11.06
N LEU A 402 11.18 11.89 10.49
CA LEU A 402 12.02 10.78 10.92
C LEU A 402 13.29 11.29 11.53
N LYS A 403 13.70 10.72 12.66
CA LYS A 403 14.96 11.10 13.22
C LYS A 403 15.90 9.95 12.95
N LEU A 404 17.02 10.24 12.29
CA LEU A 404 18.04 9.30 11.88
C LEU A 404 19.32 9.59 12.65
N SER A 405 20.00 8.55 13.10
CA SER A 405 21.29 8.59 13.81
C SER A 405 22.01 7.25 13.63
N LYS A 406 23.31 7.22 13.92
CA LYS A 406 24.13 6.04 13.88
C LYS A 406 24.14 5.47 15.31
N VAL A 407 23.92 4.16 15.45
CA VAL A 407 23.94 3.43 16.73
C VAL A 407 25.32 3.63 17.43
N GLY A 408 25.29 3.89 18.74
CA GLY A 408 26.51 4.14 19.51
C GLY A 408 27.13 5.51 19.31
N GLN A 409 26.47 6.42 18.58
CA GLN A 409 26.99 7.76 18.34
C GLN A 409 25.96 8.86 18.58
N GLY A 410 25.97 9.34 19.81
CA GLY A 410 25.13 10.44 20.24
C GLY A 410 25.81 11.72 19.80
N ASN A 411 25.14 12.45 18.88
CA ASN A 411 25.50 13.72 18.23
C ASN A 411 25.23 13.65 16.75
N THR A 412 25.19 12.42 16.20
CA THR A 412 24.97 12.18 14.77
C THR A 412 23.51 12.29 14.35
N GLU A 413 22.59 12.54 15.31
CA GLU A 413 21.17 12.66 15.04
C GLU A 413 20.81 13.86 14.16
N ARG A 414 19.87 13.64 13.21
CA ARG A 414 19.33 14.66 12.31
C ARG A 414 17.95 14.25 11.86
N THR A 415 17.13 15.25 11.56
CA THR A 415 15.78 15.03 11.04
C THR A 415 15.79 14.81 9.52
N VAL A 416 15.11 13.74 9.10
CA VAL A 416 14.92 13.36 7.72
C VAL A 416 13.40 13.43 7.46
N TRP A 417 13.00 14.30 6.53
CA TRP A 417 11.59 14.54 6.19
C TRP A 417 11.19 13.70 4.98
N GLN A 418 10.28 12.72 5.17
CA GLN A 418 9.82 11.86 4.08
C GLN A 418 8.46 12.31 3.52
N TYR A 419 8.47 12.71 2.27
CA TYR A 419 7.29 13.14 1.55
C TYR A 419 6.85 11.97 0.69
N HIS A 420 5.72 11.38 1.04
CA HIS A 420 5.20 10.21 0.36
C HIS A 420 3.97 10.56 -0.46
N PHE A 421 4.13 10.79 -1.77
CA PHE A 421 3.02 11.04 -2.67
C PHE A 421 2.35 9.68 -2.86
N ARG A 422 1.03 9.62 -2.61
CA ARG A 422 0.26 8.38 -2.65
C ARG A 422 -0.81 8.27 -3.75
N THR A 423 -1.10 9.34 -4.47
CA THR A 423 -2.20 9.35 -5.44
C THR A 423 -1.80 9.29 -6.93
N TRP A 424 -0.52 9.03 -7.24
CA TRP A 424 -0.08 8.90 -8.62
C TRP A 424 -0.78 7.67 -9.18
N PRO A 425 -1.44 7.78 -10.35
CA PRO A 425 -2.13 6.61 -10.92
C PRO A 425 -1.25 5.38 -11.18
N ASP A 426 -1.87 4.19 -11.25
CA ASP A 426 -1.20 2.92 -11.51
C ASP A 426 -0.46 2.92 -12.86
N HIS A 427 -1.10 3.46 -13.91
CA HIS A 427 -0.60 3.62 -15.28
C HIS A 427 -0.75 5.11 -15.66
N GLY A 428 0.15 5.59 -16.52
CA GLY A 428 0.15 6.97 -16.99
C GLY A 428 0.52 8.01 -15.95
N VAL A 429 -0.02 9.23 -16.13
CA VAL A 429 0.28 10.42 -15.33
C VAL A 429 -1.00 11.03 -14.75
N PRO A 430 -0.93 11.88 -13.66
CA PRO A 430 -2.16 12.54 -13.17
C PRO A 430 -2.75 13.43 -14.25
N SER A 431 -4.10 13.50 -14.31
CA SER A 431 -4.89 14.30 -15.25
C SER A 431 -4.55 15.79 -15.19
N ASP A 432 -4.28 16.29 -13.97
CA ASP A 432 -3.96 17.69 -13.71
C ASP A 432 -2.68 17.81 -12.87
N PRO A 433 -1.79 18.80 -13.16
CA PRO A 433 -0.51 18.88 -12.43
C PRO A 433 -0.52 19.57 -11.05
N GLY A 434 -1.61 20.27 -10.71
CA GLY A 434 -1.79 21.03 -9.47
C GLY A 434 -1.32 20.38 -8.20
N GLY A 435 -1.73 19.13 -8.00
CA GLY A 435 -1.38 18.32 -6.83
C GLY A 435 0.11 18.05 -6.73
N VAL A 436 0.73 17.60 -7.84
CA VAL A 436 2.16 17.33 -7.96
C VAL A 436 2.95 18.62 -7.66
N LEU A 437 2.53 19.78 -8.26
CA LEU A 437 3.22 21.07 -8.08
C LEU A 437 3.20 21.56 -6.64
N ASP A 438 2.05 21.39 -5.97
CA ASP A 438 1.84 21.80 -4.57
C ASP A 438 2.67 20.96 -3.61
N PHE A 439 2.78 19.64 -3.90
CA PHE A 439 3.61 18.69 -3.16
C PHE A 439 5.10 19.11 -3.30
N LEU A 440 5.55 19.35 -4.54
CA LEU A 440 6.89 19.80 -4.92
C LEU A 440 7.24 21.18 -4.31
N GLU A 441 6.26 22.11 -4.19
CA GLU A 441 6.51 23.43 -3.61
C GLU A 441 6.88 23.27 -2.14
N GLU A 442 6.13 22.40 -1.44
CA GLU A 442 6.35 22.09 -0.03
C GLU A 442 7.71 21.42 0.20
N VAL A 443 8.09 20.46 -0.67
CA VAL A 443 9.37 19.74 -0.63
C VAL A 443 10.51 20.75 -0.80
N HIS A 444 10.38 21.68 -1.77
CA HIS A 444 11.37 22.71 -2.08
C HIS A 444 11.61 23.61 -0.85
N HIS A 445 10.51 24.04 -0.23
CA HIS A 445 10.56 24.92 0.94
C HIS A 445 11.22 24.21 2.12
N LYS A 446 10.85 22.96 2.40
CA LYS A 446 11.49 22.14 3.48
C LYS A 446 13.04 22.09 3.30
N GLN A 447 13.50 21.69 2.09
CA GLN A 447 14.93 21.62 1.70
C GLN A 447 15.63 23.00 1.82
N GLU A 448 14.96 24.05 1.38
CA GLU A 448 15.52 25.40 1.44
C GLU A 448 15.81 25.87 2.89
N SER A 449 14.93 25.49 3.85
CA SER A 449 14.99 25.87 5.28
C SER A 449 16.11 25.17 6.09
N ILE A 450 16.73 24.12 5.49
CA ILE A 450 17.70 23.28 6.18
C ILE A 450 19.14 23.60 5.74
N MET A 451 19.88 24.19 6.67
CA MET A 451 21.30 24.59 6.58
C MET A 451 22.16 23.38 6.24
N ASP A 452 22.85 23.45 5.10
CA ASP A 452 23.78 22.44 4.56
C ASP A 452 23.18 21.05 4.33
N ALA A 453 21.87 20.98 4.04
CA ALA A 453 21.16 19.74 3.68
C ALA A 453 21.85 19.13 2.43
N GLY A 454 21.97 17.81 2.41
CA GLY A 454 22.55 17.07 1.30
C GLY A 454 21.56 16.93 0.14
N PRO A 455 21.86 16.08 -0.88
CA PRO A 455 20.91 15.91 -2.00
C PRO A 455 19.52 15.46 -1.58
N VAL A 456 18.47 15.82 -2.35
CA VAL A 456 17.11 15.36 -2.05
C VAL A 456 17.02 13.94 -2.61
N VAL A 457 16.59 12.94 -1.79
CA VAL A 457 16.48 11.57 -2.31
C VAL A 457 15.11 11.42 -2.94
N VAL A 458 15.05 10.90 -4.18
CA VAL A 458 13.81 10.76 -4.97
C VAL A 458 13.78 9.32 -5.48
N HIS A 459 12.66 8.62 -5.21
CA HIS A 459 12.45 7.22 -5.62
C HIS A 459 11.02 6.90 -5.89
N CYS A 460 10.83 5.95 -6.82
CA CYS A 460 9.56 5.31 -7.17
C CYS A 460 9.81 3.77 -7.08
N SER A 461 9.57 3.00 -8.13
CA SER A 461 9.80 1.55 -8.17
C SER A 461 11.21 1.30 -8.73
N ALA A 462 11.41 1.45 -10.08
CA ALA A 462 12.73 1.29 -10.72
C ALA A 462 13.60 2.56 -10.55
N GLY A 463 12.96 3.69 -10.27
CA GLY A 463 13.62 4.99 -10.03
C GLY A 463 14.07 5.76 -11.24
N ILE A 464 13.34 5.62 -12.36
CA ILE A 464 13.70 6.29 -13.62
C ILE A 464 12.51 7.09 -14.24
N GLY A 465 11.29 6.59 -14.11
CA GLY A 465 10.12 7.20 -14.71
C GLY A 465 9.47 8.34 -13.98
N ARG A 466 8.70 8.01 -12.95
CA ARG A 466 8.03 9.03 -12.11
C ARG A 466 9.12 9.88 -11.41
N THR A 467 10.21 9.20 -10.94
CA THR A 467 11.41 9.80 -10.30
C THR A 467 12.04 10.83 -11.28
N GLY A 468 12.30 10.38 -12.52
CA GLY A 468 12.87 11.21 -13.56
C GLY A 468 12.01 12.43 -13.84
N THR A 469 10.68 12.20 -13.90
CA THR A 469 9.61 13.18 -14.12
C THR A 469 9.60 14.24 -13.03
N PHE A 470 9.59 13.81 -11.72
CA PHE A 470 9.61 14.73 -10.56
C PHE A 470 10.88 15.61 -10.59
N ILE A 471 12.07 14.97 -10.70
CA ILE A 471 13.35 15.70 -10.71
C ILE A 471 13.40 16.77 -11.84
N VAL A 472 12.98 16.42 -13.07
CA VAL A 472 12.98 17.37 -14.22
C VAL A 472 12.05 18.59 -13.98
N ILE A 473 10.79 18.35 -13.57
CA ILE A 473 9.84 19.41 -13.22
C ILE A 473 10.48 20.33 -12.18
N ASP A 474 11.03 19.73 -11.10
CA ASP A 474 11.67 20.46 -10.02
C ASP A 474 12.87 21.29 -10.52
N ILE A 475 13.67 20.75 -11.47
CA ILE A 475 14.81 21.50 -12.05
C ILE A 475 14.31 22.74 -12.79
N LEU A 476 13.29 22.59 -13.65
CA LEU A 476 12.75 23.66 -14.52
C LEU A 476 12.11 24.78 -13.72
N ILE A 477 11.36 24.43 -12.66
CA ILE A 477 10.72 25.38 -11.75
C ILE A 477 11.76 26.12 -10.93
N ASP A 478 12.84 25.43 -10.49
CA ASP A 478 13.93 26.08 -9.74
C ASP A 478 14.59 27.18 -10.60
N ILE A 479 14.63 27.00 -11.97
CA ILE A 479 15.17 28.01 -12.91
C ILE A 479 14.28 29.27 -12.90
N ILE A 480 12.95 29.06 -12.97
CA ILE A 480 11.90 30.08 -12.99
C ILE A 480 11.80 30.83 -11.66
N ARG A 481 11.99 30.15 -10.49
CA ARG A 481 11.92 30.87 -9.20
C ARG A 481 13.14 31.78 -8.98
N GLU A 482 14.32 31.34 -9.47
CA GLU A 482 15.59 32.05 -9.39
C GLU A 482 15.70 33.21 -10.42
N LYS A 483 15.12 33.06 -11.64
CA LYS A 483 15.24 34.06 -12.70
C LYS A 483 13.95 34.83 -13.04
N GLY A 484 12.81 34.20 -12.85
CA GLY A 484 11.49 34.75 -13.12
C GLY A 484 10.90 34.28 -14.43
N VAL A 485 9.81 34.94 -14.87
CA VAL A 485 9.11 34.73 -16.14
C VAL A 485 10.08 34.97 -17.33
N ASP A 486 10.98 35.97 -17.22
CA ASP A 486 11.98 36.29 -18.24
C ASP A 486 13.25 35.46 -18.06
N CYS A 487 13.20 34.20 -18.55
CA CYS A 487 14.31 33.21 -18.55
C CYS A 487 14.10 32.18 -19.65
N ASP A 488 15.17 31.57 -20.13
CA ASP A 488 15.08 30.52 -21.15
C ASP A 488 14.98 29.16 -20.47
N ILE A 489 14.09 28.32 -21.01
CA ILE A 489 13.89 26.93 -20.58
C ILE A 489 13.94 26.02 -21.84
N ASP A 490 14.62 24.87 -21.71
CA ASP A 490 14.77 23.86 -22.74
C ASP A 490 14.49 22.45 -22.13
N VAL A 491 13.22 22.02 -22.19
CA VAL A 491 12.72 20.75 -21.65
C VAL A 491 13.53 19.54 -22.23
N PRO A 492 13.72 19.35 -23.58
CA PRO A 492 14.51 18.18 -24.04
C PRO A 492 15.98 18.24 -23.63
N LYS A 493 16.57 19.46 -23.58
CA LYS A 493 17.97 19.65 -23.19
C LYS A 493 18.15 19.23 -21.73
N THR A 494 17.24 19.67 -20.85
CA THR A 494 17.29 19.37 -19.42
C THR A 494 17.15 17.86 -19.18
N ILE A 495 16.25 17.18 -19.91
CA ILE A 495 16.04 15.72 -19.80
C ILE A 495 17.31 14.96 -20.21
N GLN A 496 17.91 15.35 -21.37
CA GLN A 496 19.14 14.74 -21.92
C GLN A 496 20.26 14.83 -20.89
N MET A 497 20.39 15.98 -20.23
CA MET A 497 21.39 16.23 -19.17
C MET A 497 21.20 15.27 -17.94
N VAL A 498 19.94 15.06 -17.51
CA VAL A 498 19.62 14.17 -16.36
C VAL A 498 19.81 12.67 -16.75
N ARG A 499 19.53 12.35 -18.03
CA ARG A 499 19.66 11.02 -18.65
C ARG A 499 21.10 10.55 -18.84
N SER A 500 22.06 11.50 -18.84
CA SER A 500 23.49 11.17 -18.90
C SER A 500 23.97 10.79 -17.47
N GLN A 501 23.12 11.04 -16.45
CA GLN A 501 23.45 10.76 -15.05
C GLN A 501 22.73 9.49 -14.48
N ARG A 502 21.62 9.03 -15.13
CA ARG A 502 20.88 7.77 -14.80
C ARG A 502 20.07 7.39 -16.04
N SER A 503 20.06 6.10 -16.39
CA SER A 503 19.39 5.56 -17.59
C SER A 503 17.87 5.78 -17.61
N GLY A 504 17.35 6.23 -18.77
CA GLY A 504 15.91 6.38 -18.99
C GLY A 504 15.15 7.27 -18.04
N MET A 505 15.81 8.32 -17.52
CA MET A 505 15.17 9.30 -16.65
C MET A 505 14.12 9.97 -17.54
N VAL A 506 12.80 9.77 -17.22
CA VAL A 506 11.60 10.18 -17.98
C VAL A 506 11.41 9.10 -19.03
N GLN A 507 10.38 8.27 -18.85
CA GLN A 507 10.13 7.09 -19.65
C GLN A 507 9.23 7.24 -20.85
N THR A 508 8.19 8.03 -20.73
CA THR A 508 7.14 8.11 -21.74
C THR A 508 6.81 9.50 -22.20
N GLU A 509 6.11 9.56 -23.34
CA GLU A 509 5.58 10.76 -24.01
C GLU A 509 4.50 11.40 -23.14
N ALA A 510 3.75 10.57 -22.39
CA ALA A 510 2.73 11.01 -21.44
C ALA A 510 3.42 11.84 -20.35
N GLN A 511 4.54 11.33 -19.78
CA GLN A 511 5.36 12.03 -18.76
C GLN A 511 5.99 13.29 -19.35
N TYR A 512 6.46 13.21 -20.60
CA TYR A 512 7.06 14.33 -21.33
C TYR A 512 6.08 15.50 -21.40
N ARG A 513 4.82 15.21 -21.81
CA ARG A 513 3.72 16.16 -21.88
C ARG A 513 3.35 16.68 -20.47
N PHE A 514 3.42 15.80 -19.42
CA PHE A 514 3.14 16.20 -18.02
C PHE A 514 4.11 17.27 -17.52
N ILE A 515 5.42 17.13 -17.83
CA ILE A 515 6.48 18.09 -17.51
C ILE A 515 6.14 19.46 -18.16
N TYR A 516 5.73 19.46 -19.45
CA TYR A 516 5.32 20.70 -20.09
C TYR A 516 4.10 21.33 -19.41
N MET A 517 3.05 20.52 -19.08
CA MET A 517 1.83 20.99 -18.43
C MET A 517 2.08 21.50 -17.03
N ALA A 518 3.02 20.86 -16.30
CA ALA A 518 3.43 21.24 -14.94
C ALA A 518 4.07 22.63 -14.94
N VAL A 519 5.05 22.83 -15.84
CA VAL A 519 5.80 24.08 -16.05
C VAL A 519 4.84 25.24 -16.39
N GLN A 520 3.92 24.99 -17.33
CA GLN A 520 2.91 25.93 -17.80
C GLN A 520 2.01 26.36 -16.65
N HIS A 521 1.58 25.39 -15.83
CA HIS A 521 0.73 25.62 -14.68
C HIS A 521 1.48 26.49 -13.66
N TYR A 522 2.76 26.14 -13.34
CA TYR A 522 3.61 26.90 -12.40
C TYR A 522 3.76 28.37 -12.81
N ILE A 523 3.98 28.64 -14.12
CA ILE A 523 4.13 29.97 -14.69
C ILE A 523 2.79 30.74 -14.64
N GLU A 524 1.65 30.01 -14.85
CA GLU A 524 0.28 30.56 -14.84
C GLU A 524 -0.16 31.08 -13.45
N THR A 525 0.26 30.40 -12.37
CA THR A 525 -0.11 30.73 -10.98
C THR A 525 0.94 31.64 -10.29
N LEU A 526 1.66 32.44 -11.06
CA LEU A 526 2.71 33.35 -10.61
C LEU A 526 2.27 34.80 -10.69
N ARG B 5 -18.99 -10.38 36.16
CA ARG B 5 -17.61 -10.02 35.80
C ARG B 5 -17.09 -8.95 36.73
N ARG B 6 -17.77 -8.79 37.89
CA ARG B 6 -17.43 -7.83 38.94
C ARG B 6 -15.98 -7.98 39.40
N TRP B 7 -15.37 -9.17 39.19
CA TRP B 7 -13.98 -9.44 39.59
C TRP B 7 -12.94 -8.69 38.73
N PHE B 8 -13.35 -8.08 37.61
CA PHE B 8 -12.42 -7.33 36.79
C PHE B 8 -12.45 -5.87 37.23
N HIS B 9 -11.28 -5.32 37.61
CA HIS B 9 -11.13 -3.93 38.03
C HIS B 9 -10.38 -3.15 36.93
N PRO B 10 -11.06 -2.19 36.25
CA PRO B 10 -10.41 -1.47 35.13
C PRO B 10 -9.33 -0.43 35.47
N ASN B 11 -9.52 0.33 36.54
CA ASN B 11 -8.63 1.42 36.89
C ASN B 11 -7.95 1.17 38.23
N ILE B 12 -7.19 0.07 38.32
CA ILE B 12 -6.50 -0.29 39.55
C ILE B 12 -5.03 -0.67 39.30
N THR B 13 -4.15 -0.27 40.23
CA THR B 13 -2.73 -0.59 40.17
C THR B 13 -2.49 -1.90 40.92
N GLY B 14 -1.26 -2.44 40.80
CA GLY B 14 -0.82 -3.66 41.46
C GLY B 14 -0.81 -3.53 42.97
N VAL B 15 -0.31 -2.38 43.47
CA VAL B 15 -0.26 -2.06 44.91
C VAL B 15 -1.71 -1.91 45.44
N GLU B 16 -2.57 -1.14 44.71
CA GLU B 16 -3.98 -0.96 45.08
C GLU B 16 -4.71 -2.31 45.13
N ALA B 17 -4.52 -3.19 44.11
CA ALA B 17 -5.10 -4.54 44.07
C ALA B 17 -4.68 -5.36 45.30
N GLU B 18 -3.38 -5.27 45.68
CA GLU B 18 -2.83 -5.94 46.87
C GLU B 18 -3.56 -5.51 48.14
N ASN B 19 -3.74 -4.17 48.30
CA ASN B 19 -4.41 -3.56 49.46
C ASN B 19 -5.82 -4.08 49.57
N LEU B 20 -6.57 -4.08 48.45
CA LEU B 20 -7.94 -4.55 48.33
C LEU B 20 -8.08 -5.99 48.81
N LEU B 21 -7.16 -6.88 48.37
CA LEU B 21 -7.17 -8.30 48.73
C LEU B 21 -6.83 -8.57 50.21
N LEU B 22 -5.88 -7.81 50.78
CA LEU B 22 -5.44 -7.99 52.16
C LEU B 22 -6.37 -7.40 53.19
N THR B 23 -7.16 -6.37 52.81
CA THR B 23 -8.08 -5.69 53.71
C THR B 23 -9.56 -6.06 53.46
N ARG B 24 -10.00 -6.20 52.20
CA ARG B 24 -11.40 -6.52 51.89
C ARG B 24 -11.63 -7.97 51.41
N GLY B 25 -10.57 -8.77 51.37
CA GLY B 25 -10.62 -10.16 50.96
C GLY B 25 -10.01 -11.11 51.97
N VAL B 26 -9.99 -12.39 51.61
CA VAL B 26 -9.43 -13.49 52.43
C VAL B 26 -8.59 -14.41 51.53
N ASP B 27 -8.13 -15.57 52.06
CA ASP B 27 -7.37 -16.55 51.30
C ASP B 27 -8.33 -17.24 50.32
N GLY B 28 -8.04 -17.10 49.02
CA GLY B 28 -8.90 -17.64 47.96
C GLY B 28 -9.55 -16.54 47.14
N SER B 29 -9.52 -15.31 47.66
CA SER B 29 -10.01 -14.10 47.01
C SER B 29 -9.12 -13.74 45.81
N PHE B 30 -9.73 -13.20 44.75
CA PHE B 30 -9.00 -12.84 43.54
C PHE B 30 -9.67 -11.72 42.78
N LEU B 31 -8.91 -11.18 41.81
CA LEU B 31 -9.34 -10.18 40.86
C LEU B 31 -8.45 -10.18 39.62
N ALA B 32 -8.99 -9.80 38.46
CA ALA B 32 -8.22 -9.62 37.22
C ALA B 32 -8.25 -8.11 36.89
N ARG B 33 -7.17 -7.60 36.32
CA ARG B 33 -7.02 -6.18 36.03
C ARG B 33 -6.05 -5.98 34.86
N PRO B 34 -6.05 -4.80 34.19
CA PRO B 34 -5.04 -4.57 33.13
C PRO B 34 -3.64 -4.51 33.72
N SER B 35 -2.65 -4.88 32.92
CA SER B 35 -1.26 -4.77 33.37
C SER B 35 -0.77 -3.33 33.11
N LYS B 36 -0.23 -2.67 34.16
CA LYS B 36 0.31 -1.30 34.07
C LYS B 36 1.75 -1.28 33.52
N SER B 37 2.56 -2.30 33.84
CA SER B 37 3.93 -2.42 33.34
C SER B 37 3.92 -2.76 31.82
N ASN B 38 3.15 -3.81 31.43
CA ASN B 38 2.99 -4.14 30.01
C ASN B 38 1.56 -3.86 29.52
N PRO B 39 1.29 -2.62 29.02
CA PRO B 39 -0.06 -2.34 28.50
C PRO B 39 -0.39 -3.26 27.33
N GLY B 40 -1.63 -3.74 27.36
CA GLY B 40 -2.12 -4.71 26.40
C GLY B 40 -2.27 -6.06 27.06
N ASP B 41 -1.55 -6.29 28.17
CA ASP B 41 -1.60 -7.52 28.95
C ASP B 41 -2.48 -7.29 30.16
N PHE B 42 -2.69 -8.36 30.95
CA PHE B 42 -3.56 -8.31 32.13
C PHE B 42 -2.89 -9.07 33.24
N THR B 43 -3.33 -8.85 34.48
CA THR B 43 -2.81 -9.55 35.63
C THR B 43 -3.95 -10.19 36.41
N LEU B 44 -3.69 -11.39 36.97
CA LEU B 44 -4.61 -12.08 37.84
C LEU B 44 -3.97 -12.00 39.22
N SER B 45 -4.54 -11.16 40.08
CA SER B 45 -4.10 -10.92 41.46
C SER B 45 -4.93 -11.79 42.43
N VAL B 46 -4.28 -12.80 42.99
CA VAL B 46 -4.86 -13.82 43.89
C VAL B 46 -4.28 -13.74 45.30
N ARG B 47 -5.14 -13.86 46.33
CA ARG B 47 -4.65 -13.90 47.71
C ARG B 47 -4.53 -15.37 48.15
N ARG B 48 -3.34 -15.76 48.66
CA ARG B 48 -3.02 -17.10 49.15
C ARG B 48 -2.10 -17.00 50.36
N ASN B 49 -2.44 -17.73 51.46
CA ASN B 49 -1.68 -17.75 52.72
C ASN B 49 -1.30 -16.34 53.21
N GLY B 50 -2.31 -15.46 53.30
CA GLY B 50 -2.16 -14.07 53.74
C GLY B 50 -1.26 -13.21 52.86
N ALA B 51 -1.00 -13.65 51.62
CA ALA B 51 -0.12 -12.96 50.67
C ALA B 51 -0.72 -12.86 49.28
N VAL B 52 -0.45 -11.74 48.59
CA VAL B 52 -0.95 -11.50 47.22
C VAL B 52 0.09 -11.89 46.15
N THR B 53 -0.34 -12.69 45.16
CA THR B 53 0.46 -13.14 44.02
C THR B 53 -0.18 -12.62 42.71
N HIS B 54 0.65 -12.11 41.81
CA HIS B 54 0.25 -11.49 40.54
C HIS B 54 0.71 -12.33 39.35
N ILE B 55 -0.26 -13.00 38.68
CA ILE B 55 0.02 -13.86 37.53
C ILE B 55 -0.29 -13.12 36.20
N LYS B 56 0.72 -13.05 35.33
CA LYS B 56 0.67 -12.40 34.03
C LYS B 56 -0.28 -13.11 33.05
N ILE B 57 -1.04 -12.33 32.27
CA ILE B 57 -1.93 -12.83 31.22
C ILE B 57 -1.58 -12.07 29.96
N GLN B 58 -1.07 -12.78 28.96
CA GLN B 58 -0.66 -12.16 27.69
C GLN B 58 -1.69 -12.36 26.58
N ASN B 59 -1.90 -11.32 25.77
CA ASN B 59 -2.74 -11.40 24.58
C ASN B 59 -2.13 -10.61 23.44
N THR B 60 -1.52 -11.33 22.49
CA THR B 60 -0.86 -10.74 21.31
C THR B 60 -1.82 -10.69 20.14
N GLY B 61 -3.02 -11.23 20.36
CA GLY B 61 -4.10 -11.21 19.38
C GLY B 61 -4.75 -12.54 19.07
N ASP B 62 -4.22 -13.64 19.62
CA ASP B 62 -4.72 -15.00 19.30
C ASP B 62 -5.51 -15.69 20.41
N TYR B 63 -5.20 -15.38 21.72
CA TYR B 63 -5.79 -15.98 22.92
C TYR B 63 -5.22 -15.33 24.18
N TYR B 64 -5.86 -15.57 25.33
CA TYR B 64 -5.38 -15.12 26.66
C TYR B 64 -4.47 -16.21 27.20
N ASP B 65 -3.18 -15.91 27.32
CA ASP B 65 -2.16 -16.85 27.77
C ASP B 65 -1.71 -16.57 29.22
N LEU B 66 -2.12 -17.45 30.13
CA LEU B 66 -1.88 -17.37 31.57
C LEU B 66 -0.57 -18.07 31.91
N TYR B 67 0.41 -17.30 32.42
CA TYR B 67 1.74 -17.81 32.78
C TYR B 67 1.63 -18.92 33.85
N GLY B 68 2.13 -20.11 33.51
CA GLY B 68 2.04 -21.28 34.37
C GLY B 68 0.67 -21.97 34.33
N GLY B 69 -0.18 -21.52 33.42
CA GLY B 69 -1.52 -22.05 33.20
C GLY B 69 -1.78 -22.37 31.73
N GLU B 70 -3.06 -22.25 31.32
CA GLU B 70 -3.51 -22.59 29.98
C GLU B 70 -3.88 -21.37 29.14
N LYS B 71 -4.31 -21.61 27.86
CA LYS B 71 -4.76 -20.64 26.86
C LYS B 71 -6.30 -20.60 26.80
N PHE B 72 -6.87 -19.39 26.83
CA PHE B 72 -8.31 -19.18 26.90
C PHE B 72 -8.82 -18.18 25.86
N ALA B 73 -10.13 -18.31 25.49
CA ALA B 73 -10.81 -17.42 24.55
C ALA B 73 -11.20 -16.08 25.18
N THR B 74 -11.60 -16.07 26.47
CA THR B 74 -11.92 -14.85 27.24
C THR B 74 -11.46 -14.96 28.71
N LEU B 75 -11.40 -13.81 29.40
CA LEU B 75 -11.05 -13.78 30.83
C LEU B 75 -12.16 -14.46 31.65
N ALA B 76 -13.44 -14.27 31.23
CA ALA B 76 -14.61 -14.88 31.87
C ALA B 76 -14.58 -16.41 31.77
N GLU B 77 -14.13 -16.96 30.61
CA GLU B 77 -14.00 -18.43 30.43
C GLU B 77 -12.84 -19.00 31.24
N LEU B 78 -11.76 -18.20 31.41
CA LEU B 78 -10.58 -18.55 32.21
C LEU B 78 -10.97 -18.64 33.70
N VAL B 79 -11.67 -17.60 34.20
CA VAL B 79 -12.11 -17.54 35.59
C VAL B 79 -13.05 -18.70 35.92
N GLN B 80 -14.02 -18.99 35.02
CA GLN B 80 -14.98 -20.07 35.17
C GLN B 80 -14.28 -21.44 35.21
N TYR B 81 -13.26 -21.63 34.37
CA TYR B 81 -12.49 -22.87 34.30
C TYR B 81 -11.77 -23.17 35.63
N TYR B 82 -11.07 -22.19 36.18
CA TYR B 82 -10.34 -22.42 37.42
C TYR B 82 -11.21 -22.40 38.68
N MET B 83 -12.35 -21.67 38.66
CA MET B 83 -13.30 -21.63 39.77
C MET B 83 -14.12 -22.92 39.90
N GLU B 84 -14.25 -23.70 38.80
CA GLU B 84 -15.00 -24.96 38.77
C GLU B 84 -14.14 -26.19 39.06
N GLN B 88 -6.92 -27.45 37.49
CA GLN B 88 -6.09 -26.95 38.59
C GLN B 88 -5.13 -25.87 38.11
N LEU B 89 -4.96 -24.80 38.92
CA LEU B 89 -4.05 -23.66 38.65
C LEU B 89 -2.80 -23.76 39.54
N LYS B 90 -1.62 -23.68 38.92
CA LYS B 90 -0.33 -23.77 39.61
C LYS B 90 0.53 -22.58 39.26
N VAL B 96 0.01 -25.07 43.86
CA VAL B 96 -1.45 -25.00 43.72
C VAL B 96 -2.04 -23.69 44.31
N ILE B 97 -2.79 -22.94 43.46
CA ILE B 97 -3.43 -21.67 43.81
C ILE B 97 -4.92 -21.80 43.48
N GLU B 98 -5.80 -21.39 44.40
CA GLU B 98 -7.24 -21.50 44.22
C GLU B 98 -7.93 -20.16 44.00
N LEU B 99 -8.88 -20.13 43.04
CA LEU B 99 -9.74 -19.01 42.72
C LEU B 99 -11.05 -19.43 43.35
N LYS B 100 -11.37 -18.85 44.53
CA LYS B 100 -12.55 -19.16 45.34
C LYS B 100 -13.50 -17.99 45.43
N TYR B 101 -13.00 -16.78 45.74
CA TYR B 101 -13.88 -15.67 45.97
C TYR B 101 -13.63 -14.47 45.10
N PRO B 102 -14.53 -14.10 44.17
CA PRO B 102 -14.31 -12.89 43.40
C PRO B 102 -14.39 -11.63 44.28
N LEU B 103 -13.44 -10.70 44.11
CA LEU B 103 -13.45 -9.44 44.85
C LEU B 103 -14.08 -8.44 43.92
N ASN B 104 -15.38 -8.15 44.14
CA ASN B 104 -16.19 -7.25 43.32
C ASN B 104 -15.68 -5.82 43.23
N CYS B 105 -15.77 -5.26 42.01
CA CYS B 105 -15.40 -3.88 41.69
C CYS B 105 -16.62 -2.99 41.92
N ALA B 106 -16.42 -1.82 42.51
CA ALA B 106 -17.48 -0.84 42.79
C ALA B 106 -17.51 0.26 41.71
N ASP B 107 -16.43 0.32 40.89
CA ASP B 107 -16.24 1.30 39.82
C ASP B 107 -17.24 1.10 38.67
N PRO B 108 -18.09 2.12 38.42
CA PRO B 108 -19.09 1.98 37.37
C PRO B 108 -18.64 2.40 35.97
N THR B 109 -17.34 2.75 35.76
CA THR B 109 -16.82 3.25 34.47
C THR B 109 -17.07 2.33 33.27
N SER B 110 -16.98 0.99 33.45
CA SER B 110 -17.20 0.06 32.33
C SER B 110 -18.64 -0.48 32.22
N GLU B 111 -19.59 0.22 32.86
CA GLU B 111 -21.01 -0.14 32.79
C GLU B 111 -21.66 0.56 31.59
N ARG B 112 -22.54 -0.16 30.86
CA ARG B 112 -23.22 0.35 29.67
C ARG B 112 -24.04 1.63 29.92
N TRP B 113 -24.65 1.71 31.11
CA TRP B 113 -25.50 2.84 31.55
C TRP B 113 -24.75 4.04 32.12
N PHE B 114 -23.44 3.88 32.47
CA PHE B 114 -22.66 4.97 33.08
C PHE B 114 -22.07 5.95 32.05
N HIS B 115 -22.29 7.26 32.29
CA HIS B 115 -21.88 8.38 31.43
C HIS B 115 -20.94 9.41 32.05
N GLY B 116 -20.81 9.41 33.37
CA GLY B 116 -19.98 10.36 34.09
C GLY B 116 -20.45 11.79 33.88
N HIS B 117 -19.59 12.64 33.30
CA HIS B 117 -19.90 14.05 33.03
C HIS B 117 -20.97 14.18 31.94
N LEU B 118 -22.20 14.59 32.34
CA LEU B 118 -23.36 14.74 31.44
C LEU B 118 -24.44 15.57 32.11
N SER B 119 -24.90 16.64 31.43
CA SER B 119 -25.93 17.54 31.95
C SER B 119 -27.32 16.91 31.81
N GLY B 120 -28.29 17.46 32.54
CA GLY B 120 -29.68 17.01 32.51
C GLY B 120 -30.33 17.27 31.17
N LYS B 121 -30.01 18.43 30.55
CA LYS B 121 -30.52 18.85 29.23
C LYS B 121 -29.91 17.91 28.19
N GLU B 122 -28.55 17.81 28.17
CA GLU B 122 -27.80 16.96 27.25
C GLU B 122 -28.18 15.47 27.37
N ALA B 123 -28.55 14.98 28.59
CA ALA B 123 -29.01 13.60 28.82
C ALA B 123 -30.41 13.43 28.25
N GLU B 124 -31.24 14.51 28.30
CA GLU B 124 -32.62 14.52 27.78
C GLU B 124 -32.60 14.52 26.25
N LYS B 125 -31.57 15.14 25.66
CA LYS B 125 -31.35 15.24 24.21
C LYS B 125 -31.15 13.82 23.66
N LEU B 126 -30.13 13.13 24.21
CA LEU B 126 -29.70 11.76 23.86
C LEU B 126 -30.85 10.77 23.98
N LEU B 127 -31.64 10.85 25.07
CA LEU B 127 -32.80 10.02 25.33
C LEU B 127 -33.96 10.25 24.36
N THR B 128 -34.05 11.46 23.79
CA THR B 128 -35.12 11.76 22.83
C THR B 128 -34.75 11.22 21.45
N GLU B 129 -33.46 11.38 21.08
CA GLU B 129 -32.89 10.99 19.80
C GLU B 129 -32.79 9.47 19.62
N LYS B 130 -32.10 8.79 20.56
CA LYS B 130 -31.79 7.36 20.51
C LYS B 130 -32.63 6.48 21.43
N GLY B 131 -33.00 7.01 22.59
CA GLY B 131 -33.76 6.29 23.62
C GLY B 131 -35.19 5.97 23.26
N LYS B 132 -35.70 4.89 23.86
CA LYS B 132 -37.06 4.39 23.74
C LYS B 132 -37.60 4.18 25.16
N HIS B 133 -38.77 3.53 25.32
CA HIS B 133 -39.35 3.25 26.63
C HIS B 133 -38.44 2.23 27.36
N GLY B 134 -37.97 2.61 28.55
CA GLY B 134 -37.09 1.78 29.35
C GLY B 134 -35.63 2.17 29.31
N SER B 135 -35.26 3.08 28.37
CA SER B 135 -33.87 3.56 28.20
C SER B 135 -33.42 4.40 29.38
N PHE B 136 -32.23 4.11 29.87
CA PHE B 136 -31.71 4.82 31.02
C PHE B 136 -30.21 5.01 30.96
N LEU B 137 -29.73 5.91 31.83
CA LEU B 137 -28.34 6.24 32.04
C LEU B 137 -28.15 6.75 33.47
N VAL B 138 -26.90 6.69 33.95
CA VAL B 138 -26.50 7.22 35.24
C VAL B 138 -25.36 8.21 34.94
N ARG B 139 -25.52 9.46 35.40
CA ARG B 139 -24.55 10.56 35.21
C ARG B 139 -24.20 11.18 36.56
N GLU B 140 -23.02 11.81 36.67
CA GLU B 140 -22.52 12.47 37.88
C GLU B 140 -23.45 13.59 38.34
N HIS B 144 -24.02 19.87 43.09
CA HIS B 144 -24.14 18.63 43.86
C HIS B 144 -22.97 17.64 43.59
N PRO B 145 -21.67 18.00 43.84
CA PRO B 145 -20.57 17.05 43.59
C PRO B 145 -20.57 15.86 44.54
N GLY B 146 -20.27 14.68 43.99
CA GLY B 146 -20.27 13.42 44.71
C GLY B 146 -21.52 12.62 44.42
N ASP B 147 -22.67 13.32 44.32
CA ASP B 147 -23.99 12.75 44.03
C ASP B 147 -24.15 12.40 42.55
N PHE B 148 -25.12 11.53 42.23
CA PHE B 148 -25.39 11.09 40.87
C PHE B 148 -26.84 11.31 40.50
N VAL B 149 -27.16 11.16 39.21
CA VAL B 149 -28.52 11.27 38.66
C VAL B 149 -28.73 10.09 37.74
N LEU B 150 -29.93 9.50 37.83
CA LEU B 150 -30.40 8.38 37.01
C LEU B 150 -31.49 9.00 36.14
N SER B 151 -31.31 8.98 34.80
CA SER B 151 -32.29 9.54 33.89
C SER B 151 -32.94 8.43 33.04
N VAL B 152 -34.26 8.29 33.20
CA VAL B 152 -35.10 7.25 32.56
C VAL B 152 -36.08 7.89 31.58
N ARG B 153 -36.40 7.14 30.51
CA ARG B 153 -37.32 7.52 29.47
C ARG B 153 -38.53 6.55 29.54
N THR B 154 -39.78 7.09 29.51
CA THR B 154 -41.00 6.26 29.49
C THR B 154 -41.97 6.69 28.41
N SER B 166 -44.58 10.59 25.68
CA SER B 166 -43.26 10.23 26.22
C SER B 166 -42.57 11.35 27.00
N LYS B 167 -41.81 10.98 28.03
CA LYS B 167 -41.11 11.90 28.94
C LYS B 167 -39.74 11.38 29.40
N VAL B 168 -38.97 12.25 30.08
CA VAL B 168 -37.69 11.90 30.69
C VAL B 168 -37.74 12.27 32.18
N THR B 169 -37.68 11.24 33.04
CA THR B 169 -37.68 11.40 34.50
C THR B 169 -36.25 11.31 35.03
N HIS B 170 -35.89 12.20 35.97
CA HIS B 170 -34.59 12.24 36.63
C HIS B 170 -34.77 11.82 38.09
N VAL B 171 -33.86 10.99 38.58
CA VAL B 171 -33.88 10.48 39.94
C VAL B 171 -32.54 10.76 40.56
N MET B 172 -32.56 11.48 41.69
CA MET B 172 -31.35 11.83 42.42
C MET B 172 -30.79 10.62 43.12
N ILE B 173 -29.46 10.46 43.05
CA ILE B 173 -28.71 9.38 43.67
C ILE B 173 -27.79 10.07 44.65
N ARG B 174 -28.10 9.91 45.94
CA ARG B 174 -27.33 10.53 47.03
C ARG B 174 -26.09 9.69 47.33
N CYS B 175 -24.90 10.32 47.44
CA CYS B 175 -23.71 9.59 47.87
C CYS B 175 -23.39 10.01 49.31
N GLN B 176 -23.62 9.06 50.24
CA GLN B 176 -23.43 9.26 51.67
C GLN B 176 -22.52 8.17 52.25
N GLU B 177 -21.32 8.58 52.74
CA GLU B 177 -20.31 7.72 53.37
C GLU B 177 -19.97 6.46 52.53
N LEU B 178 -19.77 6.68 51.21
CA LEU B 178 -19.45 5.71 50.15
C LEU B 178 -20.59 4.71 49.89
N LYS B 179 -21.82 5.12 50.23
CA LYS B 179 -23.06 4.38 49.98
C LYS B 179 -24.02 5.23 49.12
N TYR B 180 -24.82 4.57 48.28
CA TYR B 180 -25.75 5.21 47.35
C TYR B 180 -27.22 4.89 47.63
N ASP B 181 -28.10 5.90 47.49
CA ASP B 181 -29.54 5.75 47.70
C ASP B 181 -30.34 6.74 46.86
N VAL B 182 -31.65 6.50 46.74
CA VAL B 182 -32.56 7.38 45.98
C VAL B 182 -33.45 8.26 46.91
N GLY B 183 -32.89 8.68 48.05
CA GLY B 183 -33.57 9.55 49.01
C GLY B 183 -34.23 8.85 50.18
N GLY B 184 -34.20 7.51 50.16
CA GLY B 184 -34.81 6.67 51.18
C GLY B 184 -34.65 5.20 50.84
N GLY B 185 -34.84 4.37 51.86
CA GLY B 185 -34.76 2.92 51.79
C GLY B 185 -33.37 2.38 51.99
N GLU B 186 -33.03 1.34 51.18
CA GLU B 186 -31.75 0.62 51.19
C GLU B 186 -30.60 1.50 50.69
N ARG B 187 -29.38 1.31 51.23
CA ARG B 187 -28.17 2.02 50.87
C ARG B 187 -27.20 1.01 50.22
N PHE B 188 -26.78 1.29 48.98
CA PHE B 188 -25.96 0.40 48.15
C PHE B 188 -24.48 0.68 48.21
N ASP B 189 -23.68 -0.39 48.14
CA ASP B 189 -22.21 -0.34 48.19
C ASP B 189 -21.59 0.25 46.91
N SER B 190 -22.39 0.28 45.81
CA SER B 190 -21.98 0.79 44.51
C SER B 190 -23.18 1.18 43.64
N LEU B 191 -22.94 2.01 42.60
CA LEU B 191 -23.99 2.38 41.62
C LEU B 191 -24.50 1.11 40.90
N THR B 192 -23.60 0.13 40.68
CA THR B 192 -23.94 -1.16 40.07
C THR B 192 -25.04 -1.85 40.85
N ASP B 193 -24.82 -2.06 42.17
CA ASP B 193 -25.76 -2.71 43.09
C ASP B 193 -27.10 -1.96 43.14
N LEU B 194 -27.06 -0.60 43.16
CA LEU B 194 -28.26 0.26 43.15
C LEU B 194 -29.07 0.02 41.89
N VAL B 195 -28.40 0.11 40.71
CA VAL B 195 -29.07 -0.08 39.40
C VAL B 195 -29.74 -1.46 39.29
N GLU B 196 -29.03 -2.55 39.66
CA GLU B 196 -29.52 -3.93 39.62
C GLU B 196 -30.81 -4.12 40.43
N HIS B 197 -30.87 -3.53 41.63
CA HIS B 197 -32.04 -3.56 42.50
C HIS B 197 -33.24 -2.80 41.89
N TYR B 198 -33.02 -1.59 41.31
CA TYR B 198 -34.12 -0.83 40.73
C TYR B 198 -34.51 -1.37 39.33
N LYS B 199 -33.70 -2.30 38.78
CA LYS B 199 -34.00 -3.01 37.55
C LYS B 199 -35.04 -4.09 37.88
N LYS B 200 -34.83 -4.80 39.00
CA LYS B 200 -35.69 -5.89 39.49
C LYS B 200 -36.93 -5.36 40.22
N ASN B 201 -36.76 -4.23 40.94
CA ASN B 201 -37.78 -3.59 41.77
C ASN B 201 -37.94 -2.13 41.32
N PRO B 202 -38.65 -1.90 40.19
CA PRO B 202 -38.76 -0.53 39.67
C PRO B 202 -39.53 0.45 40.54
N MET B 203 -38.98 1.67 40.65
CA MET B 203 -39.55 2.81 41.37
C MET B 203 -40.85 3.21 40.68
N VAL B 204 -41.91 3.44 41.46
CA VAL B 204 -43.22 3.84 40.92
C VAL B 204 -43.49 5.26 41.40
N GLU B 205 -43.85 6.15 40.47
CA GLU B 205 -44.17 7.56 40.72
C GLU B 205 -45.51 7.64 41.45
N THR B 206 -45.81 8.81 42.08
CA THR B 206 -47.02 9.02 42.86
C THR B 206 -48.31 8.85 42.01
N LEU B 207 -48.26 9.21 40.70
CA LEU B 207 -49.42 9.06 39.81
C LEU B 207 -49.45 7.71 39.00
N GLY B 208 -48.68 6.72 39.46
CA GLY B 208 -48.65 5.38 38.86
C GLY B 208 -47.57 5.05 37.83
N THR B 209 -46.77 6.03 37.37
CA THR B 209 -45.73 5.77 36.37
C THR B 209 -44.61 4.88 36.94
N VAL B 210 -44.43 3.70 36.34
CA VAL B 210 -43.41 2.74 36.72
C VAL B 210 -42.13 3.10 35.94
N LEU B 211 -41.08 3.55 36.66
CA LEU B 211 -39.83 3.91 35.99
C LEU B 211 -38.97 2.66 35.69
N GLN B 212 -39.38 1.88 34.68
CA GLN B 212 -38.70 0.65 34.25
C GLN B 212 -37.34 0.93 33.63
N LEU B 213 -36.30 0.24 34.15
CA LEU B 213 -34.92 0.32 33.66
C LEU B 213 -34.75 -0.91 32.77
N LYS B 214 -35.23 -0.81 31.52
CA LYS B 214 -35.24 -1.92 30.57
C LYS B 214 -33.91 -2.13 29.83
N GLN B 215 -33.31 -1.05 29.29
CA GLN B 215 -32.04 -1.13 28.56
C GLN B 215 -31.21 0.14 28.67
N PRO B 216 -29.85 0.07 28.67
CA PRO B 216 -29.06 1.31 28.73
C PRO B 216 -29.18 2.08 27.43
N LEU B 217 -29.06 3.40 27.51
CA LEU B 217 -29.12 4.24 26.30
C LEU B 217 -27.91 3.90 25.39
N ASN B 218 -28.18 3.66 24.10
CA ASN B 218 -27.13 3.32 23.14
C ASN B 218 -26.24 4.52 22.80
N THR B 219 -24.92 4.38 23.03
CA THR B 219 -23.98 5.47 22.73
C THR B 219 -22.93 5.12 21.65
N THR B 220 -23.03 3.95 21.02
CA THR B 220 -22.02 3.46 20.07
C THR B 220 -22.53 3.33 18.63
N ARG B 221 -23.86 3.28 18.45
CA ARG B 221 -24.43 3.23 17.11
C ARG B 221 -24.33 4.64 16.51
N ILE B 222 -23.69 4.72 15.35
CA ILE B 222 -23.51 5.98 14.65
C ILE B 222 -23.84 5.79 13.18
N ASN B 223 -24.07 6.91 12.48
CA ASN B 223 -24.30 6.87 11.05
C ASN B 223 -22.92 6.70 10.41
N ALA B 224 -22.82 5.91 9.33
CA ALA B 224 -21.54 5.62 8.67
C ALA B 224 -20.79 6.87 8.20
N ALA B 225 -21.48 7.93 7.74
CA ALA B 225 -20.86 9.20 7.30
C ALA B 225 -20.14 9.96 8.43
N GLU B 226 -20.55 9.77 9.70
CA GLU B 226 -19.92 10.45 10.87
C GLU B 226 -18.86 9.58 11.61
N ILE B 227 -18.33 8.55 10.92
CA ILE B 227 -17.33 7.62 11.43
C ILE B 227 -15.98 8.33 11.74
N GLU B 228 -15.57 9.30 10.88
CA GLU B 228 -14.33 10.07 11.04
C GLU B 228 -14.29 10.88 12.34
N SER B 229 -15.34 11.68 12.61
CA SER B 229 -15.41 12.48 13.84
C SER B 229 -15.47 11.58 15.09
N ARG B 230 -16.02 10.35 14.96
CA ARG B 230 -16.07 9.38 16.05
C ARG B 230 -14.68 8.77 16.30
N VAL B 231 -13.96 8.39 15.21
CA VAL B 231 -12.61 7.83 15.33
C VAL B 231 -11.68 8.90 15.94
N ARG B 232 -11.89 10.18 15.55
CA ARG B 232 -11.12 11.32 16.06
C ARG B 232 -11.33 11.46 17.57
N GLU B 233 -12.59 11.34 18.05
CA GLU B 233 -13.01 11.39 19.46
C GLU B 233 -12.34 10.28 20.27
N LEU B 234 -12.41 9.01 19.78
CA LEU B 234 -11.80 7.84 20.44
C LEU B 234 -10.27 7.87 20.38
N SER B 235 -9.69 8.67 19.49
CA SER B 235 -8.24 8.80 19.34
C SER B 235 -7.57 9.66 20.44
N LYS B 236 -8.30 10.63 21.02
CA LYS B 236 -7.75 11.48 22.09
C LYS B 236 -7.95 10.87 23.48
N GLY B 247 -12.34 7.09 24.94
CA GLY B 247 -11.28 6.49 24.13
C GLY B 247 -11.55 5.07 23.67
N PHE B 248 -10.68 4.54 22.78
CA PHE B 248 -10.78 3.18 22.23
C PHE B 248 -10.70 2.09 23.32
N TRP B 249 -9.74 2.24 24.27
CA TRP B 249 -9.50 1.30 25.38
C TRP B 249 -10.75 1.11 26.20
N GLU B 250 -11.41 2.23 26.57
CA GLU B 250 -12.60 2.33 27.40
C GLU B 250 -13.81 1.69 26.75
N GLU B 251 -14.16 2.11 25.51
CA GLU B 251 -15.28 1.55 24.74
C GLU B 251 -15.11 0.03 24.63
N PHE B 252 -13.88 -0.44 24.36
CA PHE B 252 -13.55 -1.86 24.25
C PHE B 252 -13.79 -2.57 25.59
N GLU B 253 -13.30 -1.99 26.70
CA GLU B 253 -13.49 -2.59 28.02
C GLU B 253 -14.95 -2.65 28.44
N THR B 254 -15.81 -1.72 27.97
CA THR B 254 -17.26 -1.75 28.23
C THR B 254 -17.87 -2.95 27.45
N LEU B 255 -17.39 -3.21 26.22
CA LEU B 255 -17.84 -4.37 25.44
C LEU B 255 -17.34 -5.65 26.14
N GLN B 256 -16.08 -5.63 26.62
CA GLN B 256 -15.45 -6.73 27.34
C GLN B 256 -16.23 -7.16 28.58
N GLN B 257 -16.85 -6.21 29.30
CA GLN B 257 -17.69 -6.46 30.49
C GLN B 257 -18.92 -7.32 30.19
N GLN B 258 -19.42 -7.24 28.94
CA GLN B 258 -20.60 -7.97 28.47
C GLN B 258 -20.34 -9.45 28.12
N GLU B 259 -19.06 -9.90 28.12
CA GLU B 259 -18.69 -11.29 27.74
C GLU B 259 -19.21 -12.37 28.70
N CYS B 260 -19.51 -12.00 29.96
CA CYS B 260 -20.05 -12.91 30.98
C CYS B 260 -21.46 -13.40 30.66
N LYS B 261 -22.11 -12.77 29.69
CA LYS B 261 -23.43 -13.14 29.19
C LYS B 261 -23.34 -14.22 28.09
N LEU B 262 -22.10 -14.56 27.64
CA LEU B 262 -21.83 -15.47 26.51
C LEU B 262 -21.11 -16.76 26.93
N LEU B 263 -21.38 -17.23 28.17
CA LEU B 263 -20.80 -18.47 28.72
C LEU B 263 -21.67 -19.69 28.39
N TYR B 264 -21.89 -19.92 27.10
CA TYR B 264 -22.68 -21.03 26.59
C TYR B 264 -21.89 -22.31 26.66
N SER B 265 -22.59 -23.46 26.71
CA SER B 265 -21.96 -24.77 26.83
C SER B 265 -21.04 -25.12 25.65
N ARG B 266 -19.94 -25.80 25.97
CA ARG B 266 -18.94 -26.32 25.03
C ARG B 266 -18.60 -27.74 25.48
N LYS B 267 -19.65 -28.51 25.83
CA LYS B 267 -19.51 -29.89 26.26
C LYS B 267 -19.00 -30.83 25.15
N GLU B 268 -19.49 -30.74 23.89
CA GLU B 268 -19.00 -31.63 22.83
C GLU B 268 -17.46 -31.58 22.63
N GLY B 269 -16.88 -30.38 22.71
CA GLY B 269 -15.43 -30.20 22.54
C GLY B 269 -14.64 -30.66 23.76
N GLN B 270 -15.32 -30.92 24.87
CA GLN B 270 -14.73 -31.39 26.12
C GLN B 270 -14.67 -32.90 26.17
N ARG B 271 -15.42 -33.60 25.29
CA ARG B 271 -15.43 -35.08 25.25
C ARG B 271 -14.06 -35.66 24.96
N GLN B 272 -13.73 -36.81 25.61
CA GLN B 272 -12.47 -37.55 25.49
C GLN B 272 -12.02 -37.72 24.06
N GLU B 273 -12.94 -38.24 23.22
CA GLU B 273 -12.75 -38.54 21.81
C GLU B 273 -12.46 -37.28 21.00
N ASN B 274 -12.73 -36.06 21.56
CA ASN B 274 -12.58 -34.77 20.85
C ASN B 274 -11.44 -33.89 21.31
N LYS B 275 -10.83 -34.20 22.47
CA LYS B 275 -9.73 -33.44 23.07
C LYS B 275 -8.58 -33.14 22.09
N ASN B 276 -8.02 -34.20 21.45
CA ASN B 276 -6.88 -34.08 20.54
C ASN B 276 -7.26 -33.51 19.14
N LYS B 277 -8.53 -33.10 18.98
CA LYS B 277 -9.08 -32.46 17.76
C LYS B 277 -9.12 -30.91 17.90
N ASN B 278 -8.72 -30.42 19.08
CA ASN B 278 -8.65 -28.99 19.42
C ASN B 278 -7.18 -28.60 19.47
N ARG B 279 -6.83 -27.46 18.85
CA ARG B 279 -5.45 -26.95 18.82
C ARG B 279 -5.04 -26.52 20.22
N TYR B 280 -6.00 -25.93 20.96
CA TYR B 280 -5.83 -25.42 22.32
C TYR B 280 -6.99 -26.02 23.09
N LYS B 281 -6.66 -26.88 24.09
CA LYS B 281 -7.66 -27.68 24.80
C LYS B 281 -8.85 -26.89 25.42
N ASN B 282 -8.69 -25.59 25.76
CA ASN B 282 -9.75 -24.83 26.40
C ASN B 282 -10.41 -23.81 25.49
N ILE B 283 -10.01 -23.73 24.20
CA ILE B 283 -10.62 -22.86 23.22
C ILE B 283 -11.47 -23.78 22.36
N LEU B 284 -12.80 -23.81 22.67
CA LEU B 284 -13.79 -24.73 22.13
C LEU B 284 -15.02 -24.09 21.48
N PRO B 285 -15.66 -24.81 20.54
CA PRO B 285 -16.85 -24.26 19.91
C PRO B 285 -18.12 -24.41 20.74
N PHE B 286 -19.01 -23.40 20.71
CA PHE B 286 -20.26 -23.49 21.43
C PHE B 286 -21.09 -24.62 20.83
N ASP B 287 -21.63 -25.49 21.66
CA ASP B 287 -22.48 -26.59 21.18
C ASP B 287 -23.63 -26.11 20.27
N HIS B 288 -24.25 -24.95 20.57
CA HIS B 288 -25.44 -24.49 19.82
C HIS B 288 -25.15 -23.97 18.41
N THR B 289 -23.88 -23.60 18.10
CA THR B 289 -23.47 -23.10 16.78
C THR B 289 -22.38 -23.96 16.08
N ARG B 290 -21.83 -24.99 16.77
CA ARG B 290 -20.77 -25.83 16.19
C ARG B 290 -21.17 -26.46 14.84
N VAL B 291 -20.20 -26.65 13.97
CA VAL B 291 -20.47 -27.31 12.70
C VAL B 291 -20.50 -28.85 13.02
N VAL B 292 -21.67 -29.48 12.89
CA VAL B 292 -21.89 -30.94 13.15
C VAL B 292 -21.61 -31.70 11.85
N LEU B 293 -20.72 -32.67 11.89
CA LEU B 293 -20.37 -33.42 10.68
C LEU B 293 -21.23 -34.68 10.57
N HIS B 294 -22.04 -34.78 9.51
CA HIS B 294 -22.93 -35.91 9.23
C HIS B 294 -22.44 -36.62 7.99
N VAL B 302 -16.91 -41.19 17.92
CA VAL B 302 -17.18 -39.81 17.53
C VAL B 302 -16.57 -39.49 16.15
N SER B 303 -17.44 -39.11 15.21
CA SER B 303 -17.09 -38.75 13.83
C SER B 303 -17.83 -37.46 13.41
N ASP B 304 -18.50 -36.76 14.36
CA ASP B 304 -19.31 -35.57 14.09
C ASP B 304 -18.69 -34.21 14.47
N TYR B 305 -17.44 -34.22 14.99
CA TYR B 305 -16.80 -33.05 15.55
C TYR B 305 -15.67 -32.40 14.77
N ILE B 306 -15.65 -31.06 14.86
CA ILE B 306 -14.62 -30.16 14.32
C ILE B 306 -14.65 -28.89 15.21
N ASN B 307 -13.49 -28.29 15.47
CA ASN B 307 -13.47 -27.05 16.22
C ASN B 307 -13.74 -25.91 15.21
N ALA B 308 -15.05 -25.68 14.94
CA ALA B 308 -15.57 -24.70 13.99
C ALA B 308 -17.01 -24.28 14.39
N ASN B 309 -17.41 -23.04 14.07
CA ASN B 309 -18.76 -22.56 14.37
C ASN B 309 -19.30 -21.80 13.20
N ILE B 310 -20.62 -21.91 12.95
CA ILE B 310 -21.33 -21.17 11.92
C ILE B 310 -21.47 -19.76 12.50
N ILE B 311 -21.22 -18.74 11.65
CA ILE B 311 -21.35 -17.34 12.00
C ILE B 311 -22.39 -16.73 11.10
N MET B 312 -23.55 -16.42 11.65
CA MET B 312 -24.64 -15.80 10.93
C MET B 312 -24.76 -14.32 11.34
N PRO B 313 -24.60 -13.36 10.38
CA PRO B 313 -24.76 -11.94 10.74
C PRO B 313 -26.22 -11.54 10.89
N LYS B 326 -24.71 -13.65 3.15
CA LYS B 326 -23.41 -14.32 3.38
C LYS B 326 -23.22 -14.77 4.85
N SER B 327 -22.95 -16.06 5.06
CA SER B 327 -22.67 -16.59 6.39
C SER B 327 -21.24 -17.09 6.41
N TYR B 328 -20.69 -17.32 7.61
CA TYR B 328 -19.28 -17.74 7.73
C TYR B 328 -19.20 -18.99 8.58
N ILE B 329 -18.02 -19.65 8.53
CA ILE B 329 -17.53 -20.72 9.38
C ILE B 329 -16.19 -20.20 9.95
N ALA B 330 -16.15 -19.96 11.26
CA ALA B 330 -14.94 -19.54 11.95
C ALA B 330 -14.35 -20.84 12.47
N THR B 331 -13.07 -21.11 12.17
CA THR B 331 -12.44 -22.38 12.54
C THR B 331 -10.96 -22.15 12.88
N GLN B 332 -10.34 -23.18 13.45
CA GLN B 332 -8.94 -23.16 13.83
C GLN B 332 -8.07 -23.65 12.67
N GLY B 333 -6.76 -23.47 12.79
CA GLY B 333 -5.81 -24.00 11.84
C GLY B 333 -5.72 -25.49 12.06
N CYS B 334 -5.81 -26.27 10.94
CA CYS B 334 -5.81 -27.74 10.92
C CYS B 334 -4.69 -28.31 11.71
N LEU B 335 -4.97 -29.44 12.37
CA LEU B 335 -3.95 -30.25 13.02
C LEU B 335 -3.80 -31.42 12.03
N GLN B 336 -2.71 -32.20 12.08
CA GLN B 336 -2.55 -33.33 11.14
C GLN B 336 -3.71 -34.31 11.19
N ASN B 337 -4.24 -34.56 12.40
CA ASN B 337 -5.35 -35.47 12.65
C ASN B 337 -6.75 -34.85 12.39
N THR B 338 -6.85 -33.59 11.89
CA THR B 338 -8.14 -32.96 11.64
C THR B 338 -8.28 -32.50 10.16
N VAL B 339 -7.24 -32.78 9.32
CA VAL B 339 -7.29 -32.36 7.90
C VAL B 339 -8.50 -32.96 7.17
N ASN B 340 -8.71 -34.29 7.31
CA ASN B 340 -9.83 -34.99 6.67
C ASN B 340 -11.18 -34.45 7.11
N ASP B 341 -11.32 -34.06 8.40
CA ASP B 341 -12.56 -33.51 8.95
C ASP B 341 -12.80 -32.14 8.41
N PHE B 342 -11.74 -31.39 8.16
CA PHE B 342 -11.86 -30.06 7.57
C PHE B 342 -12.45 -30.16 6.16
N TRP B 343 -11.94 -31.09 5.33
CA TRP B 343 -12.49 -31.28 3.98
C TRP B 343 -13.96 -31.83 4.02
N ARG B 344 -14.29 -32.70 5.01
CA ARG B 344 -15.67 -33.17 5.20
C ARG B 344 -16.62 -32.01 5.44
N MET B 345 -16.14 -31.00 6.20
CA MET B 345 -16.87 -29.77 6.53
C MET B 345 -17.11 -28.91 5.27
N VAL B 346 -16.03 -28.58 4.53
CA VAL B 346 -16.10 -27.74 3.31
C VAL B 346 -17.09 -28.37 2.31
N PHE B 347 -16.97 -29.71 2.09
CA PHE B 347 -17.87 -30.44 1.20
C PHE B 347 -19.34 -30.42 1.69
N GLN B 348 -19.61 -30.84 2.94
CA GLN B 348 -20.97 -30.89 3.53
C GLN B 348 -21.66 -29.51 3.57
N GLU B 349 -20.89 -28.46 3.85
CA GLU B 349 -21.40 -27.10 3.97
C GLU B 349 -21.44 -26.37 2.64
N ASN B 350 -20.92 -27.00 1.57
CA ASN B 350 -20.91 -26.43 0.20
C ASN B 350 -20.09 -25.10 0.13
N SER B 351 -19.09 -24.93 1.00
CA SER B 351 -18.23 -23.74 1.00
C SER B 351 -17.38 -23.76 -0.27
N ARG B 352 -17.33 -22.61 -0.96
CA ARG B 352 -16.58 -22.51 -2.21
C ARG B 352 -15.44 -21.50 -2.06
N VAL B 353 -15.27 -20.97 -0.82
CA VAL B 353 -14.28 -19.95 -0.48
C VAL B 353 -13.71 -20.23 0.92
N ILE B 354 -12.37 -20.27 1.01
CA ILE B 354 -11.62 -20.39 2.25
C ILE B 354 -10.73 -19.15 2.35
N VAL B 355 -10.69 -18.55 3.55
CA VAL B 355 -9.86 -17.40 3.91
C VAL B 355 -8.90 -17.89 5.01
N MET B 356 -7.61 -17.94 4.70
CA MET B 356 -6.57 -18.35 5.65
C MET B 356 -5.81 -17.08 6.01
N THR B 357 -5.74 -16.74 7.30
CA THR B 357 -5.14 -15.47 7.76
C THR B 357 -3.92 -15.67 8.66
N THR B 358 -3.08 -16.63 8.30
CA THR B 358 -1.86 -17.02 9.01
C THR B 358 -0.97 -17.76 8.05
N LYS B 359 0.35 -17.71 8.29
CA LYS B 359 1.34 -18.51 7.56
C LYS B 359 1.26 -19.88 8.29
N GLU B 360 1.83 -20.95 7.71
CA GLU B 360 1.82 -22.27 8.35
C GLU B 360 2.68 -22.26 9.62
N VAL B 361 3.75 -21.44 9.60
CA VAL B 361 4.71 -21.26 10.68
C VAL B 361 4.88 -19.76 10.92
N GLU B 362 4.72 -19.32 12.18
CA GLU B 362 4.96 -17.93 12.55
C GLU B 362 5.75 -17.97 13.84
N ARG B 363 6.93 -17.27 13.84
CA ARG B 363 7.88 -17.20 14.96
C ARG B 363 8.34 -18.63 15.36
N GLY B 364 8.64 -19.43 14.33
CA GLY B 364 9.07 -20.81 14.45
C GLY B 364 8.05 -21.78 15.03
N LYS B 365 6.81 -21.30 15.24
CA LYS B 365 5.70 -22.09 15.80
C LYS B 365 4.73 -22.48 14.67
N SER B 366 4.35 -23.78 14.63
CA SER B 366 3.36 -24.33 13.68
C SER B 366 1.98 -23.79 14.08
N LYS B 367 1.29 -23.12 13.15
CA LYS B 367 0.00 -22.48 13.39
C LYS B 367 -1.14 -23.14 12.64
N CYS B 368 -0.81 -23.84 11.52
CA CYS B 368 -1.75 -24.54 10.66
C CYS B 368 -0.95 -25.50 9.80
N VAL B 369 -1.33 -26.80 9.78
CA VAL B 369 -0.64 -27.77 8.91
C VAL B 369 -1.13 -27.49 7.48
N LYS B 370 -0.31 -27.81 6.47
CA LYS B 370 -0.63 -27.67 5.05
C LYS B 370 -1.79 -28.63 4.72
N TYR B 371 -3.03 -28.11 4.50
CA TYR B 371 -4.20 -28.98 4.20
C TYR B 371 -4.54 -29.07 2.72
N TRP B 372 -3.73 -28.46 1.89
CA TRP B 372 -3.95 -28.41 0.44
C TRP B 372 -2.75 -29.03 -0.27
N PRO B 373 -2.91 -29.60 -1.49
CA PRO B 373 -1.71 -30.12 -2.17
C PRO B 373 -0.91 -29.03 -2.86
N ASP B 374 0.31 -29.37 -3.28
CA ASP B 374 1.19 -28.48 -4.04
C ASP B 374 0.53 -28.18 -5.40
N GLU B 375 0.86 -27.04 -6.04
CA GLU B 375 0.28 -26.64 -7.32
C GLU B 375 0.41 -27.75 -8.34
N TYR B 376 -0.70 -28.05 -9.06
CA TYR B 376 -0.81 -29.12 -10.08
C TYR B 376 -0.91 -30.55 -9.45
N ALA B 377 -0.74 -30.66 -8.14
CA ALA B 377 -0.83 -31.97 -7.51
C ALA B 377 -2.26 -32.33 -7.04
N LEU B 378 -2.48 -33.64 -6.87
CA LEU B 378 -3.75 -34.22 -6.42
C LEU B 378 -3.49 -35.09 -5.19
N LYS B 379 -4.35 -34.94 -4.18
CA LYS B 379 -4.27 -35.64 -2.91
C LYS B 379 -5.64 -36.06 -2.44
N GLU B 380 -5.69 -37.20 -1.76
CA GLU B 380 -6.89 -37.73 -1.15
C GLU B 380 -6.71 -37.49 0.34
N TYR B 381 -7.72 -36.89 0.96
CA TYR B 381 -7.79 -36.59 2.38
C TYR B 381 -8.99 -37.40 2.88
N GLY B 382 -8.72 -38.67 3.23
CA GLY B 382 -9.79 -39.60 3.60
C GLY B 382 -10.64 -39.88 2.37
N VAL B 383 -11.98 -39.69 2.48
CA VAL B 383 -12.94 -39.87 1.38
C VAL B 383 -12.95 -38.66 0.41
N MET B 384 -12.28 -37.54 0.77
CA MET B 384 -12.25 -36.32 -0.04
C MET B 384 -11.04 -36.25 -0.95
N ARG B 385 -11.23 -35.73 -2.15
CA ARG B 385 -10.18 -35.61 -3.16
C ARG B 385 -10.03 -34.14 -3.54
N VAL B 386 -8.77 -33.62 -3.50
CA VAL B 386 -8.51 -32.22 -3.84
C VAL B 386 -7.41 -32.09 -4.89
N ARG B 387 -7.68 -31.29 -5.90
CA ARG B 387 -6.66 -30.94 -6.89
C ARG B 387 -6.30 -29.49 -6.71
N ASN B 388 -5.02 -29.16 -6.72
CA ASN B 388 -4.65 -27.76 -6.73
C ASN B 388 -4.46 -27.41 -8.23
N VAL B 389 -5.50 -26.78 -8.85
CA VAL B 389 -5.59 -26.43 -10.26
C VAL B 389 -4.53 -25.37 -10.67
N LYS B 390 -4.57 -24.21 -9.99
CA LYS B 390 -3.66 -23.11 -10.25
C LYS B 390 -3.50 -22.25 -9.01
N GLU B 391 -2.27 -21.72 -8.81
CA GLU B 391 -1.91 -20.75 -7.78
C GLU B 391 -1.65 -19.41 -8.47
N SER B 392 -2.13 -18.31 -7.88
CA SER B 392 -2.01 -16.95 -8.39
C SER B 392 -1.53 -16.09 -7.24
N ALA B 393 -0.25 -15.70 -7.29
CA ALA B 393 0.35 -14.93 -6.19
C ALA B 393 0.30 -13.41 -6.38
N ALA B 394 0.01 -12.71 -5.28
CA ALA B 394 0.01 -11.27 -5.16
C ALA B 394 0.93 -10.96 -3.96
N HIS B 395 1.22 -9.69 -3.69
CA HIS B 395 2.07 -9.33 -2.55
C HIS B 395 1.48 -9.77 -1.20
N ASP B 396 0.20 -9.46 -0.97
CA ASP B 396 -0.45 -9.74 0.32
C ASP B 396 -0.99 -11.16 0.47
N TYR B 397 -1.33 -11.82 -0.64
CA TYR B 397 -1.92 -13.13 -0.53
C TYR B 397 -1.64 -14.06 -1.69
N THR B 398 -1.84 -15.36 -1.47
CA THR B 398 -1.76 -16.37 -2.52
C THR B 398 -3.15 -16.92 -2.71
N LEU B 399 -3.57 -17.03 -3.98
CA LEU B 399 -4.87 -17.58 -4.34
C LEU B 399 -4.65 -18.96 -4.93
N ARG B 400 -5.34 -19.97 -4.35
CA ARG B 400 -5.28 -21.35 -4.77
C ARG B 400 -6.63 -21.84 -5.28
N GLU B 401 -6.69 -22.18 -6.58
CA GLU B 401 -7.92 -22.71 -7.19
C GLU B 401 -7.87 -24.23 -6.99
N LEU B 402 -8.76 -24.74 -6.13
CA LEU B 402 -8.80 -26.13 -5.71
C LEU B 402 -10.08 -26.82 -6.20
N LYS B 403 -9.97 -28.09 -6.65
CA LYS B 403 -11.15 -28.86 -7.08
C LYS B 403 -11.37 -29.94 -6.04
N LEU B 404 -12.52 -29.90 -5.38
CA LEU B 404 -12.86 -30.82 -4.31
C LEU B 404 -14.01 -31.73 -4.75
N SER B 405 -13.85 -33.05 -4.53
CA SER B 405 -14.85 -34.06 -4.83
C SER B 405 -14.74 -35.20 -3.83
N LYS B 406 -15.78 -36.03 -3.76
CA LYS B 406 -15.79 -37.24 -2.95
C LYS B 406 -15.16 -38.36 -3.83
N VAL B 407 -14.21 -39.09 -3.25
CA VAL B 407 -13.52 -40.20 -3.90
C VAL B 407 -14.55 -41.25 -4.33
N GLY B 408 -14.44 -41.70 -5.58
CA GLY B 408 -15.33 -42.69 -6.19
C GLY B 408 -16.74 -42.21 -6.48
N GLN B 409 -16.91 -40.89 -6.68
CA GLN B 409 -18.22 -40.29 -6.92
C GLN B 409 -18.15 -39.09 -7.83
N GLY B 410 -18.50 -39.32 -9.10
CA GLY B 410 -18.58 -38.31 -10.14
C GLY B 410 -19.75 -37.38 -9.88
N ASN B 411 -19.68 -36.16 -10.40
CA ASN B 411 -20.67 -35.10 -10.23
C ASN B 411 -20.87 -34.69 -8.76
N THR B 412 -19.75 -34.63 -8.00
CA THR B 412 -19.66 -34.13 -6.61
C THR B 412 -18.60 -33.04 -6.56
N GLU B 413 -17.88 -32.87 -7.68
CA GLU B 413 -16.83 -31.89 -7.87
C GLU B 413 -17.37 -30.45 -7.90
N ARG B 414 -16.68 -29.57 -7.19
CA ARG B 414 -16.93 -28.13 -7.15
C ARG B 414 -15.61 -27.43 -6.92
N THR B 415 -15.48 -26.18 -7.41
CA THR B 415 -14.27 -25.38 -7.19
C THR B 415 -14.33 -24.74 -5.80
N VAL B 416 -13.21 -24.76 -5.09
CA VAL B 416 -13.07 -24.13 -3.78
C VAL B 416 -11.91 -23.14 -3.94
N TRP B 417 -12.17 -21.85 -3.64
CA TRP B 417 -11.17 -20.82 -3.79
C TRP B 417 -10.56 -20.51 -2.44
N GLN B 418 -9.26 -20.80 -2.27
CA GLN B 418 -8.52 -20.53 -1.05
C GLN B 418 -7.66 -19.27 -1.17
N TYR B 419 -8.03 -18.25 -0.42
CA TYR B 419 -7.38 -16.93 -0.31
C TYR B 419 -6.51 -16.99 0.90
N HIS B 420 -5.20 -17.14 0.72
CA HIS B 420 -4.23 -17.27 1.80
C HIS B 420 -3.45 -15.95 2.01
N PHE B 421 -3.94 -15.08 2.96
CA PHE B 421 -3.30 -13.83 3.39
C PHE B 421 -2.00 -14.18 4.08
N ARG B 422 -0.89 -13.54 3.67
CA ARG B 422 0.42 -13.91 4.21
C ARG B 422 1.19 -12.72 4.80
N THR B 423 0.64 -11.52 4.74
CA THR B 423 1.36 -10.36 5.26
C THR B 423 0.89 -9.88 6.64
N TRP B 424 0.05 -10.64 7.37
CA TRP B 424 -0.35 -10.20 8.70
C TRP B 424 0.89 -10.20 9.60
N PRO B 425 1.16 -9.09 10.33
CA PRO B 425 2.35 -9.04 11.19
C PRO B 425 2.38 -10.10 12.29
N ASP B 426 3.58 -10.49 12.73
CA ASP B 426 3.78 -11.51 13.77
C ASP B 426 3.04 -11.22 15.08
N HIS B 427 3.05 -9.96 15.55
CA HIS B 427 2.32 -9.53 16.75
C HIS B 427 1.54 -8.23 16.46
N GLY B 428 0.27 -8.23 16.84
CA GLY B 428 -0.60 -7.09 16.62
C GLY B 428 -1.32 -7.07 15.29
N VAL B 429 -1.54 -5.86 14.78
CA VAL B 429 -2.30 -5.60 13.57
C VAL B 429 -1.47 -4.85 12.48
N PRO B 430 -1.90 -4.88 11.19
CA PRO B 430 -1.20 -4.08 10.18
C PRO B 430 -1.46 -2.58 10.40
N SER B 431 -0.40 -1.76 10.21
CA SER B 431 -0.38 -0.29 10.32
C SER B 431 -1.39 0.38 9.37
N ASP B 432 -1.67 -0.26 8.23
CA ASP B 432 -2.60 0.28 7.25
C ASP B 432 -3.62 -0.80 6.86
N PRO B 433 -4.96 -0.53 6.88
CA PRO B 433 -5.93 -1.58 6.52
C PRO B 433 -6.18 -1.82 5.01
N GLY B 434 -5.46 -1.11 4.15
CA GLY B 434 -5.56 -1.15 2.68
C GLY B 434 -5.53 -2.55 2.08
N GLY B 435 -4.48 -3.30 2.41
CA GLY B 435 -4.30 -4.68 1.99
C GLY B 435 -5.44 -5.59 2.43
N VAL B 436 -5.89 -5.49 3.70
CA VAL B 436 -7.00 -6.29 4.25
C VAL B 436 -8.29 -5.98 3.48
N LEU B 437 -8.54 -4.68 3.21
CA LEU B 437 -9.75 -4.23 2.54
C LEU B 437 -9.77 -4.67 1.08
N ASP B 438 -8.64 -4.56 0.35
CA ASP B 438 -8.55 -5.00 -1.05
C ASP B 438 -8.69 -6.55 -1.14
N PHE B 439 -8.13 -7.26 -0.13
CA PHE B 439 -8.23 -8.72 0.03
C PHE B 439 -9.73 -9.15 0.20
N LEU B 440 -10.46 -8.55 1.13
CA LEU B 440 -11.87 -8.86 1.39
C LEU B 440 -12.80 -8.46 0.24
N GLU B 441 -12.53 -7.32 -0.45
CA GLU B 441 -13.34 -6.91 -1.59
C GLU B 441 -13.28 -7.97 -2.68
N GLU B 442 -12.09 -8.55 -2.89
CA GLU B 442 -11.86 -9.60 -3.88
C GLU B 442 -12.55 -10.94 -3.46
N VAL B 443 -12.45 -11.29 -2.14
CA VAL B 443 -13.06 -12.47 -1.52
C VAL B 443 -14.58 -12.33 -1.67
N HIS B 444 -15.10 -11.10 -1.45
CA HIS B 444 -16.52 -10.80 -1.56
C HIS B 444 -17.09 -11.09 -2.98
N HIS B 445 -16.42 -10.55 -4.01
CA HIS B 445 -16.81 -10.71 -5.42
C HIS B 445 -16.75 -12.16 -5.88
N LYS B 446 -15.76 -12.92 -5.43
CA LYS B 446 -15.69 -14.36 -5.76
C LYS B 446 -16.91 -15.12 -5.24
N GLN B 447 -17.20 -14.97 -3.94
CA GLN B 447 -18.36 -15.54 -3.24
C GLN B 447 -19.65 -15.13 -3.95
N GLU B 448 -19.79 -13.82 -4.23
CA GLU B 448 -20.95 -13.27 -4.94
C GLU B 448 -21.16 -13.87 -6.35
N SER B 449 -20.07 -14.16 -7.05
CA SER B 449 -20.13 -14.74 -8.40
C SER B 449 -20.56 -16.22 -8.42
N ILE B 450 -20.45 -16.91 -7.28
CA ILE B 450 -20.79 -18.34 -7.21
C ILE B 450 -22.23 -18.54 -6.72
N MET B 451 -23.09 -19.03 -7.62
CA MET B 451 -24.49 -19.32 -7.35
C MET B 451 -24.61 -20.45 -6.31
N ASP B 452 -25.39 -20.21 -5.25
CA ASP B 452 -25.66 -21.17 -4.16
C ASP B 452 -24.42 -21.56 -3.32
N ALA B 453 -23.35 -20.73 -3.32
CA ALA B 453 -22.17 -21.02 -2.51
C ALA B 453 -22.56 -21.00 -1.04
N GLY B 454 -21.95 -21.89 -0.25
CA GLY B 454 -22.18 -21.98 1.19
C GLY B 454 -21.46 -20.90 1.98
N PRO B 455 -21.33 -21.07 3.34
CA PRO B 455 -20.61 -20.08 4.14
C PRO B 455 -19.14 -20.00 3.78
N VAL B 456 -18.54 -18.83 4.01
CA VAL B 456 -17.14 -18.61 3.74
C VAL B 456 -16.36 -19.11 4.94
N VAL B 457 -15.42 -20.02 4.72
CA VAL B 457 -14.59 -20.54 5.79
C VAL B 457 -13.49 -19.51 6.08
N VAL B 458 -13.30 -19.14 7.36
CA VAL B 458 -12.28 -18.18 7.81
C VAL B 458 -11.56 -18.86 8.97
N HIS B 459 -10.21 -18.95 8.92
CA HIS B 459 -9.41 -19.59 9.95
C HIS B 459 -8.06 -18.91 10.12
N CYS B 460 -7.52 -18.99 11.34
CA CYS B 460 -6.16 -18.51 11.65
C CYS B 460 -5.46 -19.62 12.40
N SER B 461 -5.14 -19.43 13.67
CA SER B 461 -4.50 -20.47 14.49
C SER B 461 -5.59 -21.00 15.40
N ALA B 462 -6.00 -20.22 16.42
CA ALA B 462 -7.06 -20.61 17.36
C ALA B 462 -8.46 -20.36 16.73
N GLY B 463 -8.52 -19.42 15.78
CA GLY B 463 -9.76 -19.09 15.07
C GLY B 463 -10.69 -18.14 15.78
N ILE B 464 -10.13 -17.18 16.56
CA ILE B 464 -10.94 -16.21 17.32
C ILE B 464 -10.48 -14.76 17.15
N GLY B 465 -9.17 -14.54 17.15
CA GLY B 465 -8.57 -13.20 17.06
C GLY B 465 -8.63 -12.59 15.68
N ARG B 466 -7.70 -13.01 14.83
CA ARG B 466 -7.63 -12.53 13.43
C ARG B 466 -8.91 -12.93 12.71
N THR B 467 -9.34 -14.19 12.92
CA THR B 467 -10.58 -14.74 12.36
C THR B 467 -11.74 -13.81 12.68
N GLY B 468 -11.96 -13.51 13.96
CA GLY B 468 -13.02 -12.62 14.44
C GLY B 468 -12.93 -11.25 13.80
N THR B 469 -11.69 -10.69 13.74
CA THR B 469 -11.35 -9.39 13.16
C THR B 469 -11.77 -9.31 11.70
N PHE B 470 -11.33 -10.29 10.85
CA PHE B 470 -11.68 -10.36 9.41
C PHE B 470 -13.16 -10.47 9.22
N ILE B 471 -13.85 -11.40 9.94
CA ILE B 471 -15.31 -11.58 9.81
C ILE B 471 -16.05 -10.27 10.11
N VAL B 472 -15.75 -9.62 11.26
CA VAL B 472 -16.40 -8.39 11.72
C VAL B 472 -16.27 -7.23 10.70
N ILE B 473 -15.07 -7.03 10.13
CA ILE B 473 -14.82 -6.03 9.11
C ILE B 473 -15.68 -6.37 7.90
N ASP B 474 -15.68 -7.67 7.48
CA ASP B 474 -16.45 -8.09 6.34
C ASP B 474 -17.94 -7.81 6.49
N ILE B 475 -18.51 -8.04 7.71
CA ILE B 475 -19.93 -7.81 8.01
C ILE B 475 -20.25 -6.31 7.90
N LEU B 476 -19.43 -5.46 8.52
CA LEU B 476 -19.60 -4.01 8.59
C LEU B 476 -19.49 -3.36 7.24
N ILE B 477 -18.46 -3.75 6.45
CA ILE B 477 -18.23 -3.21 5.10
C ILE B 477 -19.35 -3.71 4.16
N ASP B 478 -20.05 -4.81 4.50
CA ASP B 478 -21.16 -5.37 3.71
C ASP B 478 -22.43 -4.55 3.83
N ILE B 479 -22.66 -3.97 5.03
CA ILE B 479 -23.77 -3.07 5.35
C ILE B 479 -23.58 -1.78 4.51
N ILE B 480 -22.35 -1.25 4.50
CA ILE B 480 -21.94 -0.03 3.81
C ILE B 480 -22.03 -0.14 2.27
N ARG B 481 -21.64 -1.29 1.70
CA ARG B 481 -21.66 -1.47 0.25
C ARG B 481 -23.09 -1.69 -0.28
N GLU B 482 -23.97 -2.24 0.57
CA GLU B 482 -25.37 -2.49 0.21
C GLU B 482 -26.23 -1.24 0.47
N LYS B 483 -26.25 -0.74 1.73
CA LYS B 483 -27.10 0.39 2.14
C LYS B 483 -26.52 1.81 1.90
N GLY B 484 -25.25 1.93 1.51
CA GLY B 484 -24.62 3.22 1.24
C GLY B 484 -24.05 3.89 2.48
N VAL B 485 -23.59 5.15 2.36
CA VAL B 485 -23.05 5.92 3.50
C VAL B 485 -24.18 6.25 4.51
N ASP B 486 -25.43 6.17 4.04
CA ASP B 486 -26.65 6.42 4.81
C ASP B 486 -27.13 5.13 5.49
N CYS B 487 -26.32 4.63 6.44
CA CYS B 487 -26.63 3.43 7.24
C CYS B 487 -26.12 3.62 8.65
N ASP B 488 -26.67 2.85 9.58
CA ASP B 488 -26.30 2.83 10.99
C ASP B 488 -25.37 1.67 11.23
N ILE B 489 -24.17 1.96 11.74
CA ILE B 489 -23.16 1.00 12.11
C ILE B 489 -22.95 1.09 13.63
N ASP B 490 -22.71 -0.07 14.24
CA ASP B 490 -22.48 -0.22 15.69
C ASP B 490 -21.51 -1.38 15.83
N VAL B 491 -20.21 -1.02 15.93
CA VAL B 491 -19.06 -1.92 16.03
C VAL B 491 -19.23 -2.86 17.25
N PRO B 492 -19.32 -2.40 18.55
CA PRO B 492 -19.47 -3.36 19.67
C PRO B 492 -20.72 -4.25 19.59
N LYS B 493 -21.86 -3.73 19.04
CA LYS B 493 -23.05 -4.56 18.89
C LYS B 493 -22.77 -5.71 17.91
N THR B 494 -22.05 -5.43 16.80
CA THR B 494 -21.70 -6.44 15.78
C THR B 494 -20.75 -7.46 16.39
N ILE B 495 -19.80 -6.99 17.22
CA ILE B 495 -18.84 -7.87 17.89
C ILE B 495 -19.57 -8.78 18.90
N GLN B 496 -20.43 -8.20 19.76
CA GLN B 496 -21.23 -8.96 20.75
C GLN B 496 -22.05 -10.09 20.08
N MET B 497 -22.73 -9.78 18.97
CA MET B 497 -23.58 -10.67 18.17
C MET B 497 -22.75 -11.88 17.63
N VAL B 498 -21.52 -11.61 17.20
CA VAL B 498 -20.60 -12.60 16.63
C VAL B 498 -19.98 -13.49 17.74
N ARG B 499 -19.64 -12.87 18.88
CA ARG B 499 -19.12 -13.53 20.10
C ARG B 499 -20.12 -14.50 20.78
N SER B 500 -21.43 -14.33 20.50
CA SER B 500 -22.46 -15.24 21.04
C SER B 500 -22.44 -16.53 20.19
N GLN B 501 -21.78 -16.49 19.00
CA GLN B 501 -21.69 -17.63 18.07
C GLN B 501 -20.31 -18.35 18.09
N ARG B 502 -19.25 -17.71 18.56
CA ARG B 502 -17.92 -18.34 18.76
C ARG B 502 -17.25 -17.55 19.88
N SER B 503 -16.60 -18.27 20.82
CA SER B 503 -15.94 -17.69 21.99
C SER B 503 -14.82 -16.70 21.67
N GLY B 504 -14.92 -15.50 22.26
CA GLY B 504 -13.91 -14.45 22.16
C GLY B 504 -13.55 -13.93 20.78
N MET B 505 -14.52 -13.93 19.84
CA MET B 505 -14.30 -13.39 18.50
C MET B 505 -13.88 -11.93 18.67
N VAL B 506 -12.66 -11.59 18.20
CA VAL B 506 -12.01 -10.28 18.39
C VAL B 506 -11.36 -10.33 19.79
N GLN B 507 -10.03 -10.50 19.79
CA GLN B 507 -9.27 -10.70 21.00
C GLN B 507 -8.72 -9.46 21.70
N THR B 508 -8.25 -8.46 20.94
CA THR B 508 -7.54 -7.31 21.50
C THR B 508 -8.11 -5.95 21.18
N GLU B 509 -7.62 -4.93 21.93
CA GLU B 509 -7.94 -3.52 21.77
C GLU B 509 -7.32 -3.01 20.47
N ALA B 510 -6.17 -3.60 20.06
CA ALA B 510 -5.46 -3.32 18.81
C ALA B 510 -6.34 -3.73 17.63
N GLN B 511 -6.92 -4.93 17.70
CA GLN B 511 -7.85 -5.44 16.69
C GLN B 511 -9.12 -4.59 16.66
N TYR B 512 -9.62 -4.21 17.84
CA TYR B 512 -10.82 -3.36 17.95
C TYR B 512 -10.63 -2.02 17.21
N ARG B 513 -9.48 -1.36 17.45
CA ARG B 513 -9.06 -0.11 16.80
C ARG B 513 -8.89 -0.38 15.30
N PHE B 514 -8.28 -1.54 14.95
CA PHE B 514 -8.07 -1.92 13.56
C PHE B 514 -9.38 -2.01 12.78
N ILE B 515 -10.47 -2.61 13.38
CA ILE B 515 -11.83 -2.73 12.78
C ILE B 515 -12.36 -1.34 12.43
N TYR B 516 -12.30 -0.42 13.41
CA TYR B 516 -12.72 0.97 13.26
C TYR B 516 -11.96 1.66 12.13
N MET B 517 -10.59 1.52 12.12
CA MET B 517 -9.65 2.05 11.12
C MET B 517 -9.96 1.53 9.71
N ALA B 518 -10.34 0.23 9.61
CA ALA B 518 -10.69 -0.39 8.32
C ALA B 518 -12.03 0.14 7.81
N VAL B 519 -13.02 0.29 8.71
CA VAL B 519 -14.36 0.83 8.37
C VAL B 519 -14.25 2.28 7.83
N GLN B 520 -13.45 3.12 8.50
CA GLN B 520 -13.19 4.53 8.16
C GLN B 520 -12.48 4.66 6.81
N HIS B 521 -11.50 3.78 6.56
CA HIS B 521 -10.71 3.70 5.31
C HIS B 521 -11.64 3.35 4.14
N TYR B 522 -12.55 2.36 4.33
CA TYR B 522 -13.51 1.91 3.31
C TYR B 522 -14.51 3.00 2.91
N ILE B 523 -15.07 3.72 3.94
CA ILE B 523 -16.07 4.78 3.77
C ILE B 523 -15.48 5.96 3.01
N GLU B 524 -14.20 6.28 3.27
CA GLU B 524 -13.52 7.41 2.63
C GLU B 524 -13.13 7.12 1.15
N THR B 525 -12.98 5.84 0.75
CA THR B 525 -12.64 5.48 -0.63
C THR B 525 -13.88 5.29 -1.52
N LEU B 526 -15.08 5.59 -0.98
CA LEU B 526 -16.33 5.53 -1.75
C LEU B 526 -16.46 6.79 -2.65
#